data_7CX3
#
_entry.id   7CX3
#
_cell.length_a   1.00
_cell.length_b   1.00
_cell.length_c   1.00
_cell.angle_alpha   90.00
_cell.angle_beta   90.00
_cell.angle_gamma   90.00
#
_symmetry.space_group_name_H-M   'P 1'
#
loop_
_entity.id
_entity.type
_entity.pdbx_description
1 polymer 'Prostaglandin E2 receptor EP2 subtype'
2 polymer 'Guanine nucleotide-binding protein G(s) subunit alpha isoforms short'
3 polymer 'Guanine nucleotide-binding protein G(I)/G(S)/G(T) subunit beta-1'
4 polymer 'Guanine nucleotide-binding protein G(I)/G(S)/G(O) subunit gamma-2'
5 polymer Nanobody-35
6 non-polymer '2-[3-[[(4-pyrazol-1-ylphenyl)methyl-pyridin-3-ylsulfonyl-amino]methyl]phenoxy]ethanoic acid'
#
loop_
_entity_poly.entity_id
_entity_poly.type
_entity_poly.pdbx_seq_one_letter_code
_entity_poly.pdbx_strand_id
1 'polypeptide(L)'
;MGNASNDSQSEDCETRQWLPPGESPAISSVMFSAGVLGNLIALALLARRWRGDVGCSAGRRSSLSLFHVLVTELVFTDLL
GTCLISPVVLASYARNQTLVALAPESRACTYFAFAMTFFSLATMLMLFAMALERYLSIGHPYFYQRRVSRSGGLAVLPVI
YAVSLLFCSLPLLDYGQYVQYCPGTWCFIRHGRTAYLQLYATLLLLLIVSVLACNFSVILNLIRMHRRSRRSRCGPSLGS
GRGGPGARRRGERVSMAEETDHLILLAIMTITFAVCSLPFTIFAYMNETSSRKEKWDLQALRFLSINSIIDPWVFAILRP
PVLRLMRSVLCCRISLRTQDATQTSCSTQSDASKQADL
;
R
2 'polypeptide(L)'
;MGCLGNSKTEDQRNEEKAQREANKKIEKQLQKDKQVYRATHRLLLLGAGESGKNTIVKQMRILHVNGFNGEGGEEDPQAA
RSNSDGEKATKVQDIKNNLKEAIETIVAAMSNLVPPVELANPENQFRVDYILSVMNVPDFDFPPEFYEHAKALWEDEGVR
ACYERSNEYQLIDCAQYFLDKIDVIKQADYVPSDQDLLRCRVLTSGIFETKFQVDKVNFHMFDVGAQRDERRKWIQCFND
VTAIIFVVASSSYNMVIREDNQTNRLQAALKLFDSIWNNKWLRDTSVILFLNKQDLLAEKVLAGKSKIEDYFPEFARYTT
PEDATPEPGEDPRVTRAKYFIRDEFLRISTASGDGRHYCYPHFTCAVDTENIRRVFNDCRDIIQRMHLRQYELL
;
A
3 'polypeptide(L)'
;MHHHHHHLEVLFQGPGSSQSELDQLRQEAEQLKNQIRDARKACADATLSQITNNIDPVGRIQMRTRRTLRGHLAKIYAMH
WGTDSRLLVSASQDGKLIIWDSYTTNKVHAIPLRSSWVMTCAYAPSGNYVACGGLDNICSIYNLKTREGNVRVSRELAGH
TGYLSCCRFLDDNQIVTSSGDTTCALWDIETGQQTTTFTGHTGDVMSLSLAPDTRLFVSGACDASAKLWDVREGMCRQTF
TGHESDINAICFFPNGNAFATGSDDATCRLFDLRADQELMTYSHDNIICGITSVSFSKSGRLLLAGYDDFNCNVWDALKA
DRAGVLAGHDNRVSCLGVTDDGMAVATGSWDSFLKIWN
;
B
4 'polypeptide(L)' MASNNTASIAQARKLVEQLKMEANIDRIKVSKAAADLMAYCEAHAKEDPLLTPVPASENPFREKKFFCAIL G
5 'polypeptide(L)'
;QVQLQESGGGLVQPGGSLRLSCAASGFTFSNYKMNWVRQAPGKGLEWVSDISQSGASISYTGSVKGRFTISRDNAKNTLY
LQMNSLKPEDTAVYYCARCPAPFTRDCFDVTSTTYAYRGQGTQVTVSS
;
N
#
# COMPACT_ATOMS: atom_id res chain seq x y z
N GLU A 23 -18.05 -25.89 54.61
CA GLU A 23 -17.13 -25.97 53.50
C GLU A 23 -17.87 -26.18 52.18
N SER A 24 -18.30 -25.06 51.58
CA SER A 24 -19.05 -25.04 50.33
C SER A 24 -18.23 -24.33 49.26
N PRO A 25 -18.44 -24.66 47.98
CA PRO A 25 -17.70 -24.02 46.88
C PRO A 25 -18.18 -22.62 46.57
N ALA A 26 -18.31 -21.79 47.60
CA ALA A 26 -18.82 -20.43 47.42
C ALA A 26 -17.81 -19.55 46.69
N ILE A 27 -16.53 -19.89 46.78
CA ILE A 27 -15.48 -19.04 46.22
C ILE A 27 -14.80 -19.77 45.07
N SER A 28 -14.59 -21.08 45.21
CA SER A 28 -13.76 -21.81 44.26
C SER A 28 -14.48 -22.00 42.93
N SER A 29 -15.67 -22.61 42.96
CA SER A 29 -16.38 -22.91 41.72
C SER A 29 -16.78 -21.65 40.96
N VAL A 30 -17.16 -20.60 41.68
CA VAL A 30 -17.59 -19.38 41.00
C VAL A 30 -16.42 -18.73 40.26
N MET A 31 -15.24 -18.70 40.89
CA MET A 31 -14.10 -18.08 40.24
C MET A 31 -13.57 -18.97 39.11
N PHE A 32 -13.67 -20.29 39.28
CA PHE A 32 -13.34 -21.19 38.17
C PHE A 32 -14.24 -20.95 36.97
N SER A 33 -15.55 -20.84 37.21
CA SER A 33 -16.49 -20.62 36.11
C SER A 33 -16.24 -19.27 35.45
N ALA A 34 -16.01 -18.23 36.26
CA ALA A 34 -15.70 -16.92 35.69
C ALA A 34 -14.43 -16.98 34.85
N GLY A 35 -13.41 -17.70 35.34
CA GLY A 35 -12.16 -17.77 34.59
C GLY A 35 -12.31 -18.48 33.27
N VAL A 36 -12.96 -19.65 33.27
CA VAL A 36 -13.12 -20.38 32.02
C VAL A 36 -14.04 -19.61 31.07
N LEU A 37 -15.03 -18.89 31.59
CA LEU A 37 -15.90 -18.10 30.74
C LEU A 37 -15.13 -16.96 30.09
N GLY A 38 -14.29 -16.26 30.87
CA GLY A 38 -13.47 -15.23 30.29
C GLY A 38 -12.48 -15.75 29.27
N ASN A 39 -11.89 -16.93 29.54
CA ASN A 39 -10.95 -17.51 28.58
C ASN A 39 -11.66 -17.90 27.28
N LEU A 40 -12.88 -18.42 27.38
CA LEU A 40 -13.62 -18.77 26.17
C LEU A 40 -14.04 -17.52 25.40
N ILE A 41 -14.45 -16.46 26.11
CA ILE A 41 -14.76 -15.20 25.44
C ILE A 41 -13.53 -14.68 24.71
N ALA A 42 -12.36 -14.76 25.35
CA ALA A 42 -11.13 -14.33 24.70
C ALA A 42 -10.82 -15.19 23.48
N LEU A 43 -10.99 -16.51 23.59
CA LEU A 43 -10.70 -17.40 22.48
C LEU A 43 -11.69 -17.24 21.33
N ALA A 44 -12.89 -16.74 21.60
CA ALA A 44 -13.83 -16.46 20.52
C ALA A 44 -13.33 -15.35 19.62
N LEU A 45 -12.86 -14.26 20.21
CA LEU A 45 -12.35 -13.11 19.46
C LEU A 45 -10.90 -13.27 19.02
N LEU A 46 -10.36 -14.46 19.14
CA LEU A 46 -8.93 -14.69 18.95
C LEU A 46 -8.61 -15.81 17.97
N ALA A 47 -9.40 -16.89 17.96
CA ALA A 47 -9.07 -18.06 17.15
C ALA A 47 -9.44 -17.90 15.68
N ARG A 48 -10.08 -16.80 15.30
CA ARG A 48 -10.49 -16.58 13.93
C ARG A 48 -9.28 -16.50 12.99
N SER A 65 0.40 -11.81 13.84
CA SER A 65 1.59 -11.19 14.39
C SER A 65 2.17 -12.05 15.51
N LEU A 66 3.39 -11.70 15.96
CA LEU A 66 4.03 -12.45 17.02
C LEU A 66 3.24 -12.34 18.32
N PHE A 67 2.76 -11.14 18.61
CA PHE A 67 1.98 -10.92 19.80
C PHE A 67 0.75 -11.79 19.72
N HIS A 68 0.19 -11.88 18.51
CA HIS A 68 -1.01 -12.69 18.31
C HIS A 68 -0.74 -14.16 18.62
N VAL A 69 0.43 -14.65 18.20
CA VAL A 69 0.79 -16.02 18.48
C VAL A 69 0.96 -16.24 19.98
N LEU A 70 1.57 -15.27 20.66
CA LEU A 70 1.85 -15.33 22.09
C LEU A 70 0.56 -15.34 22.91
N VAL A 71 -0.41 -14.49 22.56
CA VAL A 71 -1.63 -14.45 23.35
C VAL A 71 -2.49 -15.70 23.09
N THR A 72 -2.46 -16.25 21.88
CA THR A 72 -3.11 -17.53 21.64
C THR A 72 -2.54 -18.60 22.56
N GLU A 73 -1.22 -18.70 22.63
CA GLU A 73 -0.60 -19.72 23.46
C GLU A 73 -0.87 -19.47 24.94
N LEU A 74 -0.92 -18.20 25.36
CA LEU A 74 -1.19 -17.89 26.75
C LEU A 74 -2.60 -18.33 27.16
N VAL A 75 -3.61 -17.95 26.36
CA VAL A 75 -4.96 -18.36 26.70
C VAL A 75 -5.10 -19.87 26.60
N PHE A 76 -4.38 -20.50 25.66
CA PHE A 76 -4.42 -21.95 25.53
C PHE A 76 -3.92 -22.64 26.81
N THR A 77 -2.74 -22.24 27.28
CA THR A 77 -2.20 -22.89 28.48
C THR A 77 -3.02 -22.54 29.72
N ASP A 78 -3.58 -21.33 29.78
CA ASP A 78 -4.45 -20.99 30.90
C ASP A 78 -5.67 -21.90 30.95
N LEU A 79 -6.37 -22.01 29.83
CA LEU A 79 -7.57 -22.86 29.78
C LEU A 79 -7.22 -24.31 30.06
N LEU A 80 -6.12 -24.81 29.48
CA LEU A 80 -5.71 -26.18 29.74
C LEU A 80 -5.48 -26.40 31.23
N GLY A 81 -4.68 -25.53 31.85
CA GLY A 81 -4.38 -25.70 33.27
C GLY A 81 -5.64 -25.69 34.12
N THR A 82 -6.51 -24.71 33.90
CA THR A 82 -7.69 -24.60 34.75
C THR A 82 -8.64 -25.79 34.56
N CYS A 83 -8.87 -26.19 33.31
CA CYS A 83 -9.78 -27.30 33.04
C CYS A 83 -9.22 -28.64 33.48
N LEU A 84 -7.90 -28.77 33.58
CA LEU A 84 -7.32 -30.02 34.07
C LEU A 84 -7.09 -30.02 35.58
N ILE A 85 -7.11 -28.87 36.25
CA ILE A 85 -6.91 -28.82 37.69
C ILE A 85 -8.23 -28.79 38.45
N SER A 86 -9.15 -27.90 38.08
CA SER A 86 -10.31 -27.65 38.92
C SER A 86 -11.24 -28.85 39.11
N PRO A 87 -11.46 -29.74 38.14
CA PRO A 87 -12.23 -30.96 38.45
C PRO A 87 -11.65 -31.76 39.61
N VAL A 88 -10.32 -31.77 39.76
CA VAL A 88 -9.70 -32.54 40.83
C VAL A 88 -9.98 -31.92 42.20
N VAL A 89 -10.07 -30.58 42.26
CA VAL A 89 -10.39 -29.94 43.54
C VAL A 89 -11.89 -29.96 43.80
N LEU A 90 -12.71 -30.07 42.75
CA LEU A 90 -14.14 -30.25 42.95
C LEU A 90 -14.48 -31.66 43.38
N ALA A 91 -13.65 -32.63 42.98
CA ALA A 91 -13.92 -34.03 43.29
C ALA A 91 -13.97 -34.29 44.79
N SER A 92 -13.22 -33.52 45.58
CA SER A 92 -13.23 -33.67 47.03
C SER A 92 -14.28 -32.76 47.68
N TYR A 93 -15.49 -32.80 47.14
CA TYR A 93 -16.65 -32.14 47.72
C TYR A 93 -17.85 -33.07 47.82
N ALA A 94 -18.04 -33.95 46.85
CA ALA A 94 -19.06 -34.98 46.92
C ALA A 94 -18.53 -36.33 47.36
N ARG A 95 -17.27 -36.63 47.06
CA ARG A 95 -16.65 -37.87 47.49
C ARG A 95 -16.14 -37.83 48.92
N ASN A 96 -16.39 -36.73 49.64
CA ASN A 96 -15.97 -36.61 51.03
C ASN A 96 -16.68 -35.44 51.71
N GLN A 97 -17.20 -35.66 52.92
CA GLN A 97 -17.83 -34.59 53.70
C GLN A 97 -16.84 -34.07 54.74
N THR A 98 -15.73 -33.53 54.24
CA THR A 98 -14.65 -33.00 55.06
C THR A 98 -14.09 -34.08 55.99
N LEU A 99 -14.20 -35.34 55.58
CA LEU A 99 -13.76 -36.47 56.38
C LEU A 99 -12.41 -37.03 55.92
N VAL A 100 -12.32 -37.43 54.66
CA VAL A 100 -11.12 -38.03 54.09
C VAL A 100 -10.67 -37.15 52.93
N ALA A 101 -9.53 -36.49 53.09
CA ALA A 101 -9.03 -35.59 52.05
C ALA A 101 -8.57 -36.35 50.80
N LEU A 102 -8.15 -37.60 50.94
CA LEU A 102 -7.69 -38.41 49.82
C LEU A 102 -8.72 -39.52 49.59
N ALA A 103 -9.77 -39.19 48.84
CA ALA A 103 -10.82 -40.14 48.50
C ALA A 103 -10.47 -41.03 47.31
N PRO A 104 -10.03 -40.47 46.15
CA PRO A 104 -9.89 -41.33 44.96
C PRO A 104 -8.84 -42.42 45.10
N GLU A 105 -7.60 -42.03 45.39
CA GLU A 105 -6.49 -42.95 45.49
C GLU A 105 -5.44 -42.34 46.41
N SER A 106 -4.23 -42.91 46.37
CA SER A 106 -3.10 -42.39 47.14
C SER A 106 -2.20 -41.47 46.33
N ARG A 107 -2.32 -41.47 45.00
CA ARG A 107 -1.48 -40.67 44.12
C ARG A 107 -2.28 -39.57 43.42
N ALA A 108 -3.37 -39.12 44.04
CA ALA A 108 -4.20 -38.09 43.41
C ALA A 108 -3.68 -36.69 43.68
N CYS A 109 -3.54 -36.31 44.94
CA CYS A 109 -3.11 -34.95 45.25
C CYS A 109 -1.65 -34.75 44.90
N THR A 110 -0.89 -35.84 44.76
CA THR A 110 0.47 -35.73 44.23
C THR A 110 0.44 -35.18 42.81
N TYR A 111 -0.39 -35.77 41.96
CA TYR A 111 -0.59 -35.23 40.61
C TYR A 111 -1.16 -33.83 40.67
N PHE A 112 -2.03 -33.56 41.65
CA PHE A 112 -2.58 -32.22 41.80
C PHE A 112 -1.47 -31.20 42.01
N ALA A 113 -0.59 -31.44 42.98
CA ALA A 113 0.49 -30.50 43.27
C ALA A 113 1.46 -30.40 42.11
N PHE A 114 1.75 -31.53 41.45
CA PHE A 114 2.64 -31.51 40.28
C PHE A 114 2.09 -30.60 39.20
N ALA A 115 0.85 -30.84 38.77
CA ALA A 115 0.25 -30.02 37.73
C ALA A 115 0.08 -28.58 38.18
N MET A 116 -0.14 -28.36 39.47
CA MET A 116 -0.22 -27.00 40.00
C MET A 116 1.07 -26.24 39.74
N THR A 117 2.20 -26.81 40.19
CA THR A 117 3.49 -26.15 39.97
C THR A 117 3.78 -26.01 38.48
N PHE A 118 3.39 -27.03 37.69
CA PHE A 118 3.66 -26.99 36.25
C PHE A 118 2.93 -25.83 35.58
N PHE A 119 1.63 -25.71 35.84
CA PHE A 119 0.87 -24.62 35.23
C PHE A 119 1.28 -23.27 35.76
N SER A 120 1.68 -23.19 37.03
CA SER A 120 2.16 -21.91 37.56
C SER A 120 3.42 -21.47 36.84
N LEU A 121 4.42 -22.36 36.74
CA LEU A 121 5.64 -21.99 36.03
C LEU A 121 5.37 -21.71 34.56
N ALA A 122 4.43 -22.45 33.96
CA ALA A 122 4.12 -22.22 32.55
C ALA A 122 3.54 -20.84 32.33
N THR A 123 2.57 -20.45 33.15
CA THR A 123 1.97 -19.12 33.00
C THR A 123 2.99 -18.02 33.30
N MET A 124 3.84 -18.23 34.30
CA MET A 124 4.82 -17.20 34.64
C MET A 124 5.84 -17.04 33.51
N LEU A 125 6.28 -18.14 32.92
CA LEU A 125 7.23 -18.05 31.81
C LEU A 125 6.59 -17.46 30.57
N MET A 126 5.31 -17.75 30.32
CA MET A 126 4.61 -17.13 29.21
C MET A 126 4.50 -15.62 29.40
N LEU A 127 4.17 -15.18 30.61
CA LEU A 127 4.12 -13.75 30.90
C LEU A 127 5.48 -13.11 30.74
N PHE A 128 6.54 -13.79 31.18
CA PHE A 128 7.89 -13.26 31.02
C PHE A 128 8.24 -13.12 29.55
N ALA A 129 7.87 -14.11 28.73
CA ALA A 129 8.16 -14.04 27.30
C ALA A 129 7.40 -12.90 26.64
N MET A 130 6.13 -12.71 27.00
CA MET A 130 5.37 -11.61 26.42
C MET A 130 5.93 -10.25 26.84
N ALA A 131 6.30 -10.12 28.12
CA ALA A 131 6.89 -8.85 28.58
C ALA A 131 8.21 -8.58 27.88
N LEU A 132 9.04 -9.60 27.70
CA LEU A 132 10.33 -9.41 27.03
C LEU A 132 10.12 -9.05 25.57
N GLU A 133 9.13 -9.67 24.91
CA GLU A 133 8.84 -9.32 23.53
C GLU A 133 8.40 -7.87 23.41
N ARG A 134 7.47 -7.45 24.25
CA ARG A 134 6.99 -6.09 24.23
C ARG A 134 8.05 -5.08 24.59
N TYR A 135 8.92 -5.40 25.53
CA TYR A 135 9.98 -4.49 25.91
C TYR A 135 10.93 -4.25 24.76
N LEU A 136 11.31 -5.32 24.08
CA LEU A 136 12.18 -5.25 22.92
C LEU A 136 11.47 -4.53 21.80
N SER A 137 10.17 -4.77 21.68
CA SER A 137 9.43 -4.12 20.61
C SER A 137 9.39 -2.60 20.78
N ILE A 138 9.31 -2.12 22.03
CA ILE A 138 9.18 -0.68 22.23
C ILE A 138 10.52 -0.09 22.66
N GLY A 139 11.37 -0.88 23.27
CA GLY A 139 12.60 -0.35 23.81
C GLY A 139 13.74 -0.34 22.83
N HIS A 140 13.86 -1.39 22.02
CA HIS A 140 14.93 -1.54 21.04
C HIS A 140 14.31 -1.88 19.70
N PRO A 141 13.79 -0.88 18.97
CA PRO A 141 13.02 -1.20 17.76
C PRO A 141 13.89 -1.74 16.64
N TYR A 142 14.99 -1.08 16.33
CA TYR A 142 15.84 -1.52 15.23
C TYR A 142 16.28 -2.97 15.43
N PHE A 143 16.85 -3.30 16.60
CA PHE A 143 17.23 -4.68 16.88
C PHE A 143 16.05 -5.61 16.74
N TYR A 144 14.86 -5.19 17.18
CA TYR A 144 13.71 -6.06 17.07
C TYR A 144 13.23 -6.17 15.64
N GLN A 145 13.50 -5.14 14.84
CA GLN A 145 12.97 -5.12 13.48
C GLN A 145 13.56 -6.25 12.65
N ARG A 146 14.81 -6.60 12.92
CA ARG A 146 15.45 -7.68 12.20
C ARG A 146 15.43 -9.00 12.97
N ARG A 147 16.09 -9.07 14.11
CA ARG A 147 16.34 -10.37 14.76
C ARG A 147 15.14 -11.20 15.18
N VAL A 148 13.98 -10.60 15.14
CA VAL A 148 12.78 -11.23 15.68
C VAL A 148 11.72 -11.35 14.58
N SER A 149 11.23 -12.57 14.35
CA SER A 149 10.22 -12.82 13.34
C SER A 149 9.11 -13.71 13.91
N ARG A 150 7.94 -13.59 13.30
CA ARG A 150 6.75 -14.29 13.71
C ARG A 150 6.85 -15.81 13.64
N SER A 151 7.65 -16.31 12.71
CA SER A 151 7.75 -17.75 12.50
C SER A 151 8.33 -18.45 13.71
N GLY A 152 9.34 -17.86 14.35
CA GLY A 152 9.92 -18.43 15.55
C GLY A 152 9.05 -18.26 16.79
N GLY A 153 7.83 -17.78 16.62
CA GLY A 153 6.97 -17.54 17.77
C GLY A 153 6.31 -18.80 18.30
N LEU A 154 6.07 -19.78 17.43
CA LEU A 154 5.42 -21.00 17.88
C LEU A 154 6.32 -21.82 18.79
N ALA A 155 7.63 -21.58 18.74
CA ALA A 155 8.56 -22.42 19.50
C ALA A 155 8.62 -22.08 20.97
N VAL A 156 8.05 -20.95 21.37
CA VAL A 156 8.07 -20.52 22.76
C VAL A 156 7.36 -21.49 23.70
N LEU A 157 6.22 -22.01 23.27
CA LEU A 157 5.44 -22.94 24.09
C LEU A 157 6.20 -24.24 24.35
N PRO A 158 6.87 -24.77 23.31
CA PRO A 158 7.64 -26.02 23.41
C PRO A 158 8.81 -25.96 24.39
N VAL A 159 9.55 -24.85 24.42
CA VAL A 159 10.70 -24.74 25.30
C VAL A 159 10.25 -24.46 26.73
N ILE A 160 9.18 -23.68 26.90
CA ILE A 160 8.68 -23.38 28.23
C ILE A 160 8.07 -24.62 28.86
N TYR A 161 7.27 -25.37 28.09
CA TYR A 161 6.75 -26.64 28.59
C TYR A 161 7.87 -27.60 28.96
N ALA A 162 8.96 -27.62 28.18
CA ALA A 162 10.07 -28.50 28.50
C ALA A 162 10.72 -28.10 29.82
N VAL A 163 11.06 -26.83 29.98
CA VAL A 163 11.68 -26.36 31.21
C VAL A 163 10.77 -26.58 32.41
N SER A 164 9.46 -26.41 32.21
CA SER A 164 8.52 -26.56 33.32
C SER A 164 8.31 -28.02 33.69
N LEU A 165 8.19 -28.90 32.70
CA LEU A 165 8.16 -30.33 32.98
C LEU A 165 9.40 -30.78 33.74
N LEU A 166 10.58 -30.29 33.33
CA LEU A 166 11.80 -30.62 34.04
C LEU A 166 11.72 -30.15 35.50
N PHE A 167 11.51 -28.84 35.69
CA PHE A 167 11.58 -28.24 37.02
C PHE A 167 10.40 -28.63 37.91
N CYS A 168 9.37 -29.28 37.37
CA CYS A 168 8.23 -29.71 38.18
C CYS A 168 8.13 -31.21 38.36
N SER A 169 8.77 -32.00 37.51
CA SER A 169 8.99 -33.42 37.78
C SER A 169 10.26 -33.65 38.57
N LEU A 170 11.09 -32.61 38.73
CA LEU A 170 12.21 -32.69 39.66
C LEU A 170 11.85 -33.25 41.03
N PRO A 171 10.75 -32.84 41.69
CA PRO A 171 10.41 -33.48 42.97
C PRO A 171 9.93 -34.91 42.83
N LEU A 172 9.29 -35.26 41.71
CA LEU A 172 8.84 -36.64 41.51
C LEU A 172 9.99 -37.63 41.49
N LEU A 173 11.21 -37.18 41.20
CA LEU A 173 12.40 -38.02 41.21
C LEU A 173 13.10 -38.01 42.56
N ASP A 174 12.36 -37.84 43.65
CA ASP A 174 12.78 -37.89 45.06
C ASP A 174 13.54 -36.62 45.43
N TYR A 175 13.74 -35.68 44.52
CA TYR A 175 14.37 -34.41 44.87
C TYR A 175 13.47 -33.53 45.74
N GLY A 176 12.17 -33.84 45.80
CA GLY A 176 11.23 -33.11 46.63
C GLY A 176 10.14 -34.02 47.17
N GLN A 177 9.11 -33.45 47.78
CA GLN A 177 8.02 -34.24 48.33
C GLN A 177 6.81 -33.35 48.58
N TYR A 178 5.63 -33.87 48.30
CA TYR A 178 4.38 -33.15 48.47
C TYR A 178 3.69 -33.54 49.77
N VAL A 179 2.90 -32.61 50.30
CA VAL A 179 2.08 -32.84 51.49
C VAL A 179 0.75 -32.12 51.30
N GLN A 180 -0.23 -32.50 52.12
CA GLN A 180 -1.56 -31.91 52.09
C GLN A 180 -1.65 -30.75 53.08
N TYR A 181 -2.63 -29.88 52.88
CA TYR A 181 -2.75 -28.64 53.61
C TYR A 181 -4.08 -28.58 54.36
N CYS A 182 -4.22 -27.52 55.16
CA CYS A 182 -5.38 -27.37 56.05
C CYS A 182 -6.73 -27.51 55.34
N PRO A 183 -6.96 -26.91 54.16
CA PRO A 183 -8.25 -27.14 53.48
C PRO A 183 -8.45 -28.59 53.05
N GLY A 184 -7.37 -29.36 52.91
CA GLY A 184 -7.49 -30.78 52.59
C GLY A 184 -7.72 -31.08 51.12
N THR A 185 -8.30 -30.13 50.39
CA THR A 185 -8.67 -30.34 49.00
C THR A 185 -7.52 -30.06 48.03
N TRP A 186 -6.29 -29.99 48.51
CA TRP A 186 -5.15 -29.72 47.64
C TRP A 186 -3.87 -30.15 48.34
N CYS A 187 -2.79 -30.20 47.56
CA CYS A 187 -1.47 -30.55 48.08
C CYS A 187 -0.45 -29.61 47.44
N PHE A 188 0.71 -29.52 48.08
CA PHE A 188 1.78 -28.63 47.61
C PHE A 188 3.07 -29.03 48.34
N ILE A 189 4.14 -28.28 48.09
CA ILE A 189 5.46 -28.61 48.60
C ILE A 189 5.49 -28.35 50.10
N ARG A 190 6.19 -29.22 50.83
CA ARG A 190 6.32 -29.09 52.27
C ARG A 190 7.38 -28.05 52.63
N HIS A 191 7.10 -27.28 53.68
CA HIS A 191 8.06 -26.30 54.18
C HIS A 191 9.12 -27.02 55.02
N GLY A 192 10.38 -26.91 54.62
CA GLY A 192 11.46 -27.54 55.33
C GLY A 192 11.68 -28.98 54.88
N ARG A 193 12.68 -29.61 55.51
CA ARG A 193 13.07 -30.99 55.26
C ARG A 193 13.65 -31.17 53.86
N THR A 194 13.70 -30.10 53.08
CA THR A 194 14.31 -30.10 51.76
C THR A 194 14.72 -28.66 51.45
N ALA A 195 15.12 -28.39 50.21
CA ALA A 195 15.45 -27.05 49.76
C ALA A 195 14.81 -26.76 48.41
N TYR A 196 13.62 -27.30 48.17
CA TYR A 196 12.93 -27.13 46.90
C TYR A 196 11.94 -25.97 46.88
N LEU A 197 11.22 -25.76 47.99
CA LEU A 197 10.24 -24.67 48.02
C LEU A 197 10.91 -23.32 47.90
N GLN A 198 12.06 -23.14 48.55
CA GLN A 198 12.77 -21.87 48.45
C GLN A 198 13.26 -21.62 47.03
N LEU A 199 13.75 -22.65 46.34
CA LEU A 199 14.20 -22.47 44.97
C LEU A 199 13.03 -22.17 44.04
N TYR A 200 11.90 -22.84 44.25
CA TYR A 200 10.71 -22.55 43.46
C TYR A 200 10.26 -21.10 43.66
N ALA A 201 10.20 -20.67 44.93
CA ALA A 201 9.79 -19.30 45.22
C ALA A 201 10.76 -18.29 44.65
N THR A 202 12.06 -18.56 44.68
CA THR A 202 13.02 -17.59 44.18
C THR A 202 12.98 -17.53 42.65
N LEU A 203 12.71 -18.66 41.99
CA LEU A 203 12.51 -18.62 40.55
C LEU A 203 11.27 -17.81 40.19
N LEU A 204 10.18 -18.01 40.93
CA LEU A 204 8.98 -17.21 40.71
C LEU A 204 9.27 -15.72 40.93
N LEU A 205 10.03 -15.40 41.97
CA LEU A 205 10.34 -14.01 42.28
C LEU A 205 11.22 -13.40 41.19
N LEU A 206 12.17 -14.17 40.66
CA LEU A 206 12.99 -13.68 39.56
C LEU A 206 12.15 -13.38 38.33
N LEU A 207 11.23 -14.28 37.98
CA LEU A 207 10.35 -14.04 36.84
C LEU A 207 9.47 -12.82 37.08
N ILE A 208 8.97 -12.65 38.31
CA ILE A 208 8.10 -11.52 38.61
C ILE A 208 8.85 -10.20 38.50
N VAL A 209 10.06 -10.12 39.06
CA VAL A 209 10.80 -8.87 39.01
C VAL A 209 11.25 -8.58 37.59
N SER A 210 11.51 -9.62 36.78
CA SER A 210 11.85 -9.39 35.38
C SER A 210 10.65 -8.84 34.60
N VAL A 211 9.46 -9.40 34.84
CA VAL A 211 8.26 -8.89 34.20
C VAL A 211 8.02 -7.44 34.61
N LEU A 212 8.19 -7.13 35.90
CA LEU A 212 7.96 -5.77 36.37
C LEU A 212 8.97 -4.79 35.78
N ALA A 213 10.24 -5.21 35.68
CA ALA A 213 11.25 -4.34 35.08
C ALA A 213 10.94 -4.07 33.62
N CYS A 214 10.56 -5.11 32.86
CA CYS A 214 10.22 -4.90 31.46
C CYS A 214 9.00 -3.99 31.31
N ASN A 215 7.98 -4.19 32.14
CA ASN A 215 6.78 -3.36 32.04
C ASN A 215 7.07 -1.91 32.41
N PHE A 216 7.89 -1.69 33.43
CA PHE A 216 8.23 -0.32 33.80
C PHE A 216 9.09 0.36 32.74
N SER A 217 9.98 -0.40 32.10
CA SER A 217 10.77 0.18 31.01
C SER A 217 9.88 0.54 29.82
N VAL A 218 8.90 -0.31 29.50
CA VAL A 218 7.99 0.01 28.40
C VAL A 218 7.14 1.23 28.74
N ILE A 219 6.69 1.34 30.00
CA ILE A 219 5.93 2.51 30.41
C ILE A 219 6.77 3.77 30.31
N LEU A 220 8.04 3.68 30.73
CA LEU A 220 8.95 4.81 30.62
C LEU A 220 9.13 5.23 29.17
N ASN A 221 9.31 4.26 28.27
CA ASN A 221 9.49 4.59 26.86
C ASN A 221 8.23 5.19 26.26
N LEU A 222 7.05 4.71 26.66
CA LEU A 222 5.80 5.28 26.17
C LEU A 222 5.63 6.72 26.65
N ILE A 223 5.97 6.99 27.92
CA ILE A 223 5.90 8.36 28.42
C ILE A 223 6.88 9.26 27.67
N ARG A 224 8.09 8.75 27.42
CA ARG A 224 9.08 9.53 26.68
C ARG A 224 8.60 9.85 25.27
N MET A 225 8.00 8.88 24.59
CA MET A 225 7.52 9.11 23.23
C MET A 225 6.26 9.95 23.19
N HIS A 226 5.49 10.00 24.29
CA HIS A 226 4.38 10.94 24.37
C HIS A 226 4.87 12.36 24.62
N ARG A 227 5.94 12.51 25.41
CA ARG A 227 6.50 13.84 25.64
C ARG A 227 7.18 14.38 24.38
N ARG A 228 7.89 13.52 23.65
CA ARG A 228 8.57 13.96 22.44
C ARG A 228 7.59 14.41 21.37
N SER A 229 6.39 13.82 21.34
CA SER A 229 5.39 14.20 20.36
C SER A 229 4.85 15.60 20.63
N ALA A 257 -3.80 10.31 22.95
CA ALA A 257 -4.27 9.66 21.73
C ALA A 257 -4.32 8.15 21.89
N GLU A 258 -3.18 7.50 21.66
CA GLU A 258 -3.05 6.05 21.82
C GLU A 258 -1.96 5.65 22.80
N GLU A 259 -0.89 6.43 22.91
CA GLU A 259 0.12 6.16 23.91
C GLU A 259 -0.44 6.26 25.32
N THR A 260 -1.38 7.18 25.55
CA THR A 260 -2.06 7.23 26.84
C THR A 260 -2.89 5.97 27.07
N ASP A 261 -3.55 5.47 26.02
CA ASP A 261 -4.27 4.22 26.10
C ASP A 261 -3.35 3.08 26.54
N HIS A 262 -2.21 2.96 25.87
CA HIS A 262 -1.26 1.90 26.21
C HIS A 262 -0.71 2.07 27.62
N LEU A 263 -0.49 3.31 28.04
CA LEU A 263 -0.04 3.56 29.41
C LEU A 263 -1.06 3.07 30.42
N ILE A 264 -2.34 3.39 30.18
CA ILE A 264 -3.40 2.95 31.09
C ILE A 264 -3.47 1.43 31.12
N LEU A 265 -3.41 0.80 29.95
CA LEU A 265 -3.48 -0.66 29.88
C LEU A 265 -2.33 -1.30 30.64
N LEU A 266 -1.11 -0.81 30.42
CA LEU A 266 0.05 -1.41 31.08
C LEU A 266 0.04 -1.13 32.58
N ALA A 267 -0.49 0.02 33.01
CA ALA A 267 -0.63 0.27 34.44
C ALA A 267 -1.59 -0.73 35.07
N ILE A 268 -2.74 -0.93 34.44
CA ILE A 268 -3.71 -1.92 34.93
C ILE A 268 -3.07 -3.30 35.01
N MET A 269 -2.41 -3.72 33.93
CA MET A 269 -1.82 -5.05 33.87
C MET A 269 -0.73 -5.22 34.93
N THR A 270 0.15 -4.23 35.08
CA THR A 270 1.22 -4.33 36.06
C THR A 270 0.69 -4.35 37.49
N ILE A 271 -0.34 -3.56 37.77
CA ILE A 271 -0.91 -3.55 39.12
C ILE A 271 -1.55 -4.90 39.43
N THR A 272 -2.37 -5.43 38.51
CA THR A 272 -3.01 -6.71 38.77
C THR A 272 -2.02 -7.87 38.72
N PHE A 273 -0.84 -7.68 38.14
CA PHE A 273 0.16 -8.74 38.18
C PHE A 273 0.98 -8.70 39.45
N ALA A 274 1.29 -7.50 39.95
CA ALA A 274 2.03 -7.37 41.20
C ALA A 274 1.17 -7.63 42.42
N VAL A 275 -0.15 -7.48 42.30
CA VAL A 275 -1.02 -7.72 43.44
C VAL A 275 -1.34 -9.21 43.57
N CYS A 276 -1.48 -9.90 42.45
CA CYS A 276 -1.97 -11.28 42.44
C CYS A 276 -0.87 -12.31 42.23
N SER A 277 0.40 -11.93 42.33
CA SER A 277 1.46 -12.90 42.14
C SER A 277 2.59 -12.82 43.15
N LEU A 278 2.73 -11.73 43.90
CA LEU A 278 3.76 -11.61 44.93
C LEU A 278 3.42 -12.32 46.23
N PRO A 279 2.15 -12.33 46.69
CA PRO A 279 1.85 -13.03 47.96
C PRO A 279 2.34 -14.47 48.04
N PHE A 280 2.45 -15.19 46.92
CA PHE A 280 2.99 -16.53 46.97
C PHE A 280 4.42 -16.54 47.48
N THR A 281 5.27 -15.70 46.89
CA THR A 281 6.65 -15.58 47.38
C THR A 281 6.70 -14.99 48.77
N ILE A 282 5.77 -14.09 49.10
CA ILE A 282 5.75 -13.48 50.42
C ILE A 282 5.50 -14.53 51.50
N PHE A 283 4.58 -15.46 51.23
CA PHE A 283 4.22 -16.47 52.21
C PHE A 283 5.10 -17.71 52.16
N ALA A 284 5.77 -17.97 51.04
CA ALA A 284 6.62 -19.15 50.92
C ALA A 284 7.95 -18.99 51.65
N TYR A 285 8.29 -17.78 52.08
CA TYR A 285 9.51 -17.52 52.84
C TYR A 285 9.23 -17.39 54.33
N MET A 286 8.23 -18.12 54.84
CA MET A 286 7.87 -18.08 56.24
C MET A 286 7.68 -19.50 56.74
N ASN A 287 7.48 -19.62 58.06
CA ASN A 287 7.29 -20.92 58.66
C ASN A 287 5.90 -21.48 58.32
N GLU A 288 5.82 -22.80 58.21
CA GLU A 288 4.55 -23.45 57.89
C GLU A 288 3.55 -23.30 59.03
N THR A 289 4.03 -23.24 60.27
CA THR A 289 3.13 -23.11 61.41
C THR A 289 2.49 -21.73 61.45
N SER A 290 3.18 -20.70 60.93
CA SER A 290 2.64 -19.35 60.98
C SER A 290 1.50 -19.16 59.98
N SER A 291 1.64 -19.73 58.78
CA SER A 291 0.65 -19.51 57.73
C SER A 291 -0.66 -20.21 58.04
N ARG A 292 -0.59 -21.50 58.39
CA ARG A 292 -1.81 -22.28 58.64
C ARG A 292 -2.61 -21.73 59.80
N LYS A 293 -1.95 -21.12 60.78
CA LYS A 293 -2.67 -20.51 61.90
C LYS A 293 -3.53 -19.34 61.41
N GLU A 294 -3.05 -18.62 60.40
CA GLU A 294 -3.79 -17.50 59.82
C GLU A 294 -4.47 -17.83 58.51
N LYS A 295 -4.26 -19.04 57.98
CA LYS A 295 -4.89 -19.50 56.73
C LYS A 295 -4.50 -18.60 55.57
N TRP A 296 -3.19 -18.41 55.39
CA TRP A 296 -2.66 -17.64 54.27
C TRP A 296 -2.21 -18.51 53.10
N ASP A 297 -1.91 -19.79 53.36
CA ASP A 297 -1.47 -20.69 52.31
C ASP A 297 -2.51 -20.89 51.22
N LEU A 298 -3.80 -20.79 51.57
CA LEU A 298 -4.84 -20.94 50.57
C LEU A 298 -4.93 -19.71 49.68
N GLN A 299 -4.91 -18.52 50.28
CA GLN A 299 -4.97 -17.29 49.51
C GLN A 299 -3.73 -17.09 48.65
N ALA A 300 -2.58 -17.61 49.11
CA ALA A 300 -1.36 -17.49 48.32
C ALA A 300 -1.53 -18.08 46.93
N LEU A 301 -2.20 -19.23 46.82
CA LEU A 301 -2.44 -19.86 45.54
C LEU A 301 -3.70 -19.35 44.85
N ARG A 302 -4.67 -18.91 45.63
CA ARG A 302 -5.86 -18.37 45.02
C ARG A 302 -5.45 -17.13 44.24
N PHE A 303 -4.52 -16.34 44.76
CA PHE A 303 -4.13 -15.12 44.07
C PHE A 303 -3.41 -15.41 42.75
N LEU A 304 -2.58 -16.45 42.72
CA LEU A 304 -1.96 -16.85 41.47
C LEU A 304 -3.02 -17.30 40.46
N SER A 305 -4.02 -18.03 40.94
CA SER A 305 -5.12 -18.43 40.05
C SER A 305 -5.90 -17.20 39.56
N ILE A 306 -6.08 -16.20 40.43
CA ILE A 306 -6.76 -14.98 40.02
C ILE A 306 -5.95 -14.25 38.96
N ASN A 307 -4.63 -14.25 39.11
CA ASN A 307 -3.74 -13.67 38.09
C ASN A 307 -3.93 -14.39 36.76
N SER A 308 -3.99 -15.73 36.80
CA SER A 308 -4.22 -16.49 35.57
C SER A 308 -5.59 -16.23 34.97
N ILE A 309 -6.58 -15.85 35.79
CA ILE A 309 -7.86 -15.41 35.26
C ILE A 309 -7.73 -14.06 34.58
N ILE A 310 -7.06 -13.13 35.24
CA ILE A 310 -7.06 -11.73 34.79
C ILE A 310 -6.27 -11.57 33.50
N ASP A 311 -5.21 -12.36 33.32
CA ASP A 311 -4.33 -12.21 32.16
C ASP A 311 -5.06 -12.17 30.83
N PRO A 312 -5.81 -13.21 30.44
CA PRO A 312 -6.42 -13.19 29.08
C PRO A 312 -7.44 -12.08 28.91
N TRP A 313 -8.16 -11.75 29.99
CA TRP A 313 -9.17 -10.70 29.92
C TRP A 313 -8.53 -9.37 29.52
N VAL A 314 -7.55 -8.90 30.29
CA VAL A 314 -6.90 -7.63 29.99
C VAL A 314 -5.99 -7.72 28.77
N PHE A 315 -5.67 -8.93 28.31
CA PHE A 315 -4.82 -9.03 27.12
C PHE A 315 -5.62 -8.99 25.82
N ALA A 316 -6.82 -9.56 25.79
CA ALA A 316 -7.59 -9.66 24.56
C ALA A 316 -8.90 -8.87 24.56
N ILE A 317 -9.59 -8.77 25.69
CA ILE A 317 -10.89 -8.12 25.70
C ILE A 317 -10.77 -6.61 25.92
N LEU A 318 -9.77 -6.15 26.66
CA LEU A 318 -9.57 -4.73 26.95
C LEU A 318 -8.46 -4.14 26.09
N ARG A 319 -8.44 -4.50 24.81
CA ARG A 319 -7.42 -4.02 23.87
C ARG A 319 -7.59 -2.53 23.63
N PRO A 320 -6.54 -1.86 23.15
CA PRO A 320 -6.62 -0.40 23.00
C PRO A 320 -7.85 0.06 22.24
N PRO A 321 -8.32 -0.66 21.21
CA PRO A 321 -9.61 -0.25 20.61
C PRO A 321 -10.76 -0.28 21.59
N VAL A 322 -10.84 -1.29 22.45
CA VAL A 322 -11.94 -1.39 23.39
C VAL A 322 -11.85 -0.31 24.46
N LEU A 323 -10.63 0.00 24.92
CA LEU A 323 -10.46 1.09 25.86
C LEU A 323 -10.80 2.42 25.22
N ARG A 324 -10.47 2.60 23.94
CA ARG A 324 -10.84 3.82 23.23
C ARG A 324 -12.35 3.95 23.12
N LEU A 325 -13.04 2.85 22.84
CA LEU A 325 -14.50 2.88 22.79
C LEU A 325 -15.09 3.23 24.16
N MET A 326 -14.55 2.61 25.22
CA MET A 326 -15.06 2.88 26.56
C MET A 326 -14.78 4.32 27.00
N ARG A 327 -13.71 4.92 26.48
CA ARG A 327 -13.43 6.31 26.81
C ARG A 327 -14.27 7.27 25.97
N SER A 328 -14.58 6.89 24.73
CA SER A 328 -15.44 7.72 23.89
C SER A 328 -16.88 7.70 24.40
N VAL A 329 -17.32 6.56 24.96
CA VAL A 329 -18.66 6.50 25.53
C VAL A 329 -18.75 7.42 26.75
N LEU A 330 -17.94 7.14 27.77
CA LEU A 330 -17.88 7.95 28.98
C LEU A 330 -19.24 8.16 29.62
N GLN B 12 12.31 -40.71 -14.41
CA GLN B 12 10.97 -40.17 -14.19
C GLN B 12 10.92 -39.34 -12.91
N ARG B 13 10.97 -40.01 -11.76
CA ARG B 13 10.96 -39.31 -10.48
C ARG B 13 12.26 -38.58 -10.20
N ASN B 14 13.35 -38.95 -10.89
CA ASN B 14 14.61 -38.26 -10.70
C ASN B 14 14.53 -36.80 -11.14
N GLU B 15 13.79 -36.52 -12.21
CA GLU B 15 13.60 -35.13 -12.63
C GLU B 15 12.82 -34.34 -11.58
N GLU B 16 11.79 -34.97 -11.01
CA GLU B 16 11.02 -34.29 -9.98
C GLU B 16 11.84 -34.02 -8.72
N LYS B 17 12.68 -34.97 -8.32
CA LYS B 17 13.48 -34.72 -7.12
C LYS B 17 14.62 -33.73 -7.41
N ALA B 18 15.13 -33.70 -8.65
CA ALA B 18 16.05 -32.64 -9.03
C ALA B 18 15.38 -31.27 -8.96
N GLN B 19 14.12 -31.20 -9.40
CA GLN B 19 13.35 -29.98 -9.26
C GLN B 19 13.19 -29.59 -7.80
N ARG B 20 12.91 -30.58 -6.94
CA ARG B 20 12.76 -30.30 -5.51
C ARG B 20 14.06 -29.80 -4.89
N GLU B 21 15.20 -30.36 -5.32
CA GLU B 21 16.49 -29.90 -4.81
C GLU B 21 16.79 -28.49 -5.29
N ALA B 22 16.49 -28.18 -6.55
CA ALA B 22 16.65 -26.83 -7.04
C ALA B 22 15.79 -25.85 -6.26
N ASN B 23 14.56 -26.25 -5.94
CA ASN B 23 13.69 -25.40 -5.13
C ASN B 23 14.24 -25.21 -3.72
N LYS B 24 14.82 -26.27 -3.15
CA LYS B 24 15.40 -26.16 -1.82
C LYS B 24 16.58 -25.19 -1.80
N LYS B 25 17.45 -25.27 -2.81
CA LYS B 25 18.55 -24.31 -2.90
C LYS B 25 18.05 -22.90 -3.14
N ILE B 26 17.01 -22.74 -3.96
CA ILE B 26 16.45 -21.42 -4.20
C ILE B 26 15.90 -20.83 -2.92
N GLU B 27 15.22 -21.64 -2.10
CA GLU B 27 14.68 -21.13 -0.85
C GLU B 27 15.79 -20.86 0.18
N LYS B 28 16.85 -21.66 0.17
CA LYS B 28 17.97 -21.40 1.05
C LYS B 28 18.63 -20.06 0.71
N GLN B 29 18.66 -19.71 -0.57
CA GLN B 29 19.17 -18.40 -0.96
C GLN B 29 18.17 -17.29 -0.64
N LEU B 30 16.88 -17.57 -0.81
CA LEU B 30 15.85 -16.57 -0.52
C LEU B 30 15.81 -16.22 0.97
N GLN B 31 16.20 -17.16 1.84
CA GLN B 31 16.25 -16.84 3.26
C GLN B 31 17.39 -15.86 3.57
N LYS B 32 18.56 -16.08 2.98
CA LYS B 32 19.66 -15.13 3.14
C LYS B 32 19.32 -13.78 2.56
N ASP B 33 18.53 -13.74 1.48
CA ASP B 33 18.12 -12.46 0.93
C ASP B 33 17.06 -11.79 1.79
N LYS B 34 16.18 -12.58 2.42
CA LYS B 34 15.16 -12.03 3.29
C LYS B 34 15.75 -11.45 4.56
N GLN B 35 16.83 -12.04 5.08
CA GLN B 35 17.44 -11.47 6.27
C GLN B 35 18.11 -10.13 5.97
N VAL B 36 18.53 -9.92 4.73
CA VAL B 36 19.14 -8.64 4.35
C VAL B 36 18.06 -7.62 3.99
N TYR B 37 16.92 -8.07 3.46
CA TYR B 37 15.86 -7.13 3.10
C TYR B 37 15.22 -6.49 4.32
N ARG B 38 15.26 -7.16 5.47
CA ARG B 38 14.65 -6.62 6.68
C ARG B 38 15.59 -5.73 7.49
N ALA B 39 16.90 -5.84 7.27
CA ALA B 39 17.86 -5.04 8.01
C ALA B 39 18.02 -3.63 7.45
N THR B 40 17.62 -3.40 6.21
CA THR B 40 17.79 -2.10 5.56
C THR B 40 16.50 -1.31 5.58
N HIS B 41 16.63 0.01 5.60
CA HIS B 41 15.50 0.92 5.63
C HIS B 41 15.57 1.83 4.41
N ARG B 42 14.53 1.81 3.59
CA ARG B 42 14.48 2.59 2.36
C ARG B 42 13.81 3.93 2.64
N LEU B 43 14.39 5.00 2.09
CA LEU B 43 13.84 6.34 2.21
C LEU B 43 13.67 6.93 0.81
N LEU B 44 12.64 7.75 0.64
CA LEU B 44 12.40 8.42 -0.63
C LEU B 44 12.72 9.90 -0.48
N LEU B 45 13.84 10.32 -1.07
CA LEU B 45 14.21 11.73 -1.06
C LEU B 45 13.46 12.44 -2.18
N LEU B 46 12.43 13.20 -1.82
CA LEU B 46 11.56 13.86 -2.79
C LEU B 46 11.57 15.36 -2.49
N GLY B 47 12.52 16.07 -3.07
CA GLY B 47 12.60 17.49 -2.90
C GLY B 47 11.68 18.24 -3.85
N ALA B 48 11.66 19.56 -3.69
CA ALA B 48 10.83 20.43 -4.50
C ALA B 48 11.58 21.02 -5.69
N GLY B 49 12.85 20.71 -5.86
CA GLY B 49 13.64 21.29 -6.93
C GLY B 49 14.13 22.67 -6.56
N GLU B 50 15.39 22.96 -6.87
CA GLU B 50 16.03 24.23 -6.49
C GLU B 50 15.95 24.45 -4.99
N SER B 51 15.94 23.37 -4.22
CA SER B 51 15.77 23.43 -2.77
C SER B 51 17.00 22.93 -2.01
N GLY B 52 18.06 22.53 -2.70
CA GLY B 52 19.26 22.08 -2.03
C GLY B 52 19.29 20.62 -1.67
N LYS B 53 18.36 19.81 -2.20
CA LYS B 53 18.39 18.37 -1.94
C LYS B 53 19.69 17.74 -2.40
N ASN B 54 20.32 18.30 -3.43
CA ASN B 54 21.62 17.81 -3.86
C ASN B 54 22.68 18.04 -2.79
N THR B 55 22.62 19.19 -2.11
CA THR B 55 23.56 19.43 -1.02
C THR B 55 23.25 18.54 0.19
N ILE B 56 21.99 18.18 0.39
CA ILE B 56 21.64 17.33 1.52
C ILE B 56 22.03 15.88 1.26
N VAL B 57 21.99 15.43 0.01
CA VAL B 57 22.52 14.11 -0.30
C VAL B 57 24.05 14.14 -0.39
N LYS B 58 24.63 15.31 -0.67
CA LYS B 58 26.05 15.51 -0.43
C LYS B 58 26.39 15.33 1.05
N GLN B 59 25.50 15.79 1.93
CA GLN B 59 25.70 15.68 3.36
C GLN B 59 25.47 14.25 3.84
N MET B 60 24.21 13.83 3.82
CA MET B 60 23.85 12.48 4.26
C MET B 60 24.50 11.42 3.37
N SER B 205 20.46 6.03 -14.28
CA SER B 205 20.14 7.43 -14.57
C SER B 205 18.66 7.69 -14.35
N GLY B 206 17.87 6.63 -14.22
CA GLY B 206 16.46 6.79 -13.92
C GLY B 206 16.19 7.08 -12.47
N ILE B 207 17.05 6.59 -11.57
CA ILE B 207 16.93 6.85 -10.14
C ILE B 207 18.29 6.65 -9.48
N PHE B 208 18.69 7.60 -8.64
CA PHE B 208 19.96 7.55 -7.94
C PHE B 208 19.74 7.04 -6.52
N GLU B 209 20.76 6.36 -5.99
CA GLU B 209 20.67 5.70 -4.69
C GLU B 209 21.89 6.06 -3.86
N THR B 210 21.67 6.37 -2.59
CA THR B 210 22.75 6.69 -1.66
C THR B 210 22.57 5.86 -0.40
N LYS B 211 23.63 5.15 -0.01
CA LYS B 211 23.61 4.33 1.19
C LYS B 211 24.37 5.04 2.29
N PHE B 212 23.79 5.06 3.50
CA PHE B 212 24.53 5.53 4.66
C PHE B 212 24.18 4.65 5.85
N GLN B 213 24.93 4.82 6.93
CA GLN B 213 24.80 3.95 8.09
C GLN B 213 24.93 4.79 9.36
N VAL B 214 23.97 4.60 10.27
CA VAL B 214 23.97 5.29 11.55
C VAL B 214 23.74 4.24 12.64
N ASP B 215 24.67 4.16 13.60
CA ASP B 215 24.60 3.20 14.70
C ASP B 215 24.38 1.79 14.19
N LYS B 216 25.13 1.42 13.15
CA LYS B 216 25.07 0.09 12.54
C LYS B 216 23.68 -0.23 11.98
N VAL B 217 22.93 0.81 11.61
CA VAL B 217 21.66 0.66 10.92
C VAL B 217 21.80 1.28 9.54
N ASN B 218 21.47 0.50 8.51
CA ASN B 218 21.69 0.90 7.12
C ASN B 218 20.44 1.56 6.55
N PHE B 219 20.65 2.65 5.82
CA PHE B 219 19.58 3.38 5.15
C PHE B 219 19.94 3.53 3.67
N HIS B 220 18.97 3.25 2.80
CA HIS B 220 19.08 3.48 1.37
C HIS B 220 18.11 4.58 0.98
N MET B 221 18.64 5.68 0.44
CA MET B 221 17.85 6.83 0.07
C MET B 221 17.82 6.98 -1.44
N PHE B 222 16.63 7.06 -2.01
CA PHE B 222 16.44 7.10 -3.45
C PHE B 222 15.97 8.48 -3.89
N ASP B 223 16.55 8.98 -4.96
CA ASP B 223 16.16 10.26 -5.56
C ASP B 223 15.88 10.01 -7.04
N VAL B 224 14.66 10.34 -7.47
CA VAL B 224 14.30 10.12 -8.87
C VAL B 224 15.05 11.10 -9.75
N GLY B 225 15.59 10.59 -10.85
CA GLY B 225 16.37 11.40 -11.76
C GLY B 225 15.64 11.72 -13.06
N ALA B 226 15.94 10.96 -14.11
CA ALA B 226 15.34 11.19 -15.41
C ALA B 226 13.89 10.77 -15.45
N GLN B 227 13.02 11.50 -14.79
CA GLN B 227 11.58 11.32 -14.86
C GLN B 227 10.93 12.61 -15.34
N ARG B 228 9.65 12.52 -15.68
CA ARG B 228 8.90 13.70 -16.07
C ARG B 228 8.35 14.41 -14.83
N ASP B 229 7.72 15.57 -15.05
CA ASP B 229 7.16 16.31 -13.94
C ASP B 229 5.79 15.80 -13.51
N GLU B 230 5.21 14.89 -14.28
CA GLU B 230 4.00 14.20 -13.84
C GLU B 230 4.41 12.98 -13.02
N ARG B 231 3.92 12.90 -11.78
CA ARG B 231 4.44 11.93 -10.82
C ARG B 231 3.33 11.18 -10.08
N ARG B 232 2.14 11.11 -10.66
CA ARG B 232 1.04 10.41 -10.02
C ARG B 232 1.01 8.92 -10.32
N LYS B 233 1.95 8.42 -11.13
CA LYS B 233 1.98 7.01 -11.49
C LYS B 233 3.20 6.28 -10.94
N TRP B 234 4.38 6.91 -10.94
CA TRP B 234 5.56 6.23 -10.41
C TRP B 234 5.76 6.47 -8.93
N ILE B 235 4.97 7.34 -8.30
CA ILE B 235 5.12 7.55 -6.87
C ILE B 235 4.48 6.42 -6.07
N GLN B 236 3.50 5.71 -6.65
CA GLN B 236 2.88 4.57 -5.98
C GLN B 236 3.89 3.47 -5.67
N CYS B 237 5.04 3.48 -6.33
CA CYS B 237 6.09 2.51 -6.03
C CYS B 237 6.63 2.68 -4.62
N PHE B 238 6.44 3.84 -4.00
CA PHE B 238 7.07 4.17 -2.72
C PHE B 238 6.06 4.21 -1.58
N ASN B 239 5.09 3.31 -1.59
CA ASN B 239 4.11 3.26 -0.51
C ASN B 239 4.57 2.41 0.66
N ASP B 240 5.61 1.61 0.50
CA ASP B 240 6.16 0.79 1.58
C ASP B 240 7.47 1.35 2.12
N VAL B 241 8.01 2.40 1.49
CA VAL B 241 9.15 3.11 2.06
C VAL B 241 8.79 3.63 3.46
N THR B 242 9.76 3.60 4.37
CA THR B 242 9.47 3.98 5.74
C THR B 242 9.28 5.48 5.91
N ALA B 243 9.94 6.29 5.07
CA ALA B 243 9.81 7.73 5.20
C ALA B 243 10.09 8.41 3.88
N ILE B 244 9.28 9.44 3.60
CA ILE B 244 9.53 10.37 2.50
C ILE B 244 10.20 11.61 3.10
N ILE B 245 11.43 11.88 2.68
CA ILE B 245 12.12 13.09 3.09
C ILE B 245 11.75 14.20 2.11
N PHE B 246 11.00 15.19 2.61
CA PHE B 246 10.46 16.27 1.79
C PHE B 246 11.27 17.52 2.08
N VAL B 247 12.11 17.92 1.13
CA VAL B 247 12.94 19.11 1.27
C VAL B 247 12.21 20.29 0.66
N VAL B 248 12.18 21.41 1.39
CA VAL B 248 11.47 22.62 0.96
C VAL B 248 12.40 23.81 1.10
N ALA B 249 12.60 24.54 0.01
CA ALA B 249 13.38 25.78 0.04
C ALA B 249 12.56 26.84 0.76
N SER B 250 12.92 27.11 2.02
CA SER B 250 12.13 28.04 2.83
C SER B 250 12.31 29.49 2.38
N SER B 251 13.49 29.82 1.83
CA SER B 251 13.76 31.18 1.41
C SER B 251 13.38 31.42 -0.05
N SER B 252 13.71 30.48 -0.93
CA SER B 252 13.52 30.65 -2.36
C SER B 252 12.09 30.27 -2.75
N TYR B 253 11.34 31.24 -3.24
CA TYR B 253 9.97 30.99 -3.72
C TYR B 253 9.48 32.17 -4.57
N ASN B 264 6.28 31.52 -7.13
CA ASN B 264 5.81 30.99 -5.86
C ASN B 264 6.12 29.51 -5.74
N ARG B 265 7.31 29.20 -5.20
CA ARG B 265 7.70 27.81 -5.00
C ARG B 265 7.27 27.26 -3.66
N LEU B 266 7.01 28.12 -2.67
CA LEU B 266 6.53 27.63 -1.38
C LEU B 266 5.10 27.12 -1.50
N GLN B 267 4.27 27.80 -2.29
CA GLN B 267 2.91 27.29 -2.51
C GLN B 267 2.94 26.02 -3.34
N ALA B 268 3.86 25.91 -4.29
CA ALA B 268 4.02 24.66 -5.04
C ALA B 268 4.40 23.52 -4.11
N ALA B 269 5.33 23.77 -3.18
CA ALA B 269 5.70 22.74 -2.21
C ALA B 269 4.53 22.39 -1.31
N LEU B 270 3.75 23.39 -0.91
CA LEU B 270 2.58 23.12 -0.07
C LEU B 270 1.57 22.24 -0.80
N LYS B 271 1.34 22.52 -2.08
CA LYS B 271 0.38 21.72 -2.84
C LYS B 271 0.90 20.31 -3.08
N LEU B 272 2.21 20.16 -3.32
CA LEU B 272 2.77 18.83 -3.47
C LEU B 272 2.68 18.03 -2.17
N PHE B 273 2.95 18.67 -1.03
CA PHE B 273 2.83 18.00 0.26
C PHE B 273 1.37 17.64 0.54
N ASP B 274 0.44 18.50 0.13
CA ASP B 274 -0.98 18.20 0.31
C ASP B 274 -1.42 17.04 -0.57
N SER B 275 -0.85 16.91 -1.77
CA SER B 275 -1.18 15.78 -2.63
C SER B 275 -0.60 14.48 -2.08
N ILE B 276 0.64 14.54 -1.56
CA ILE B 276 1.25 13.34 -1.00
C ILE B 276 0.52 12.89 0.25
N TRP B 277 0.23 13.84 1.14
CA TRP B 277 -0.38 13.51 2.43
C TRP B 277 -1.74 12.86 2.25
N ASN B 278 -2.51 13.30 1.27
CA ASN B 278 -3.89 12.87 1.08
C ASN B 278 -4.04 11.79 0.02
N ASN B 279 -2.93 11.28 -0.52
CA ASN B 279 -3.01 10.22 -1.51
C ASN B 279 -3.48 8.92 -0.87
N LYS B 280 -4.21 8.12 -1.65
CA LYS B 280 -4.83 6.92 -1.11
C LYS B 280 -3.80 5.87 -0.72
N TRP B 281 -2.70 5.77 -1.46
CA TRP B 281 -1.68 4.76 -1.20
C TRP B 281 -0.58 5.26 -0.29
N LEU B 282 -0.30 6.56 -0.30
CA LEU B 282 0.68 7.16 0.59
C LEU B 282 0.05 7.62 1.91
N ARG B 283 -1.09 7.05 2.29
CA ARG B 283 -1.82 7.48 3.46
C ARG B 283 -1.31 6.88 4.76
N ASP B 284 -0.45 5.85 4.69
CA ASP B 284 0.19 5.30 5.87
C ASP B 284 1.70 5.49 5.83
N THR B 285 2.18 6.38 4.99
CA THR B 285 3.60 6.70 4.90
C THR B 285 3.86 8.03 5.58
N SER B 286 4.97 8.10 6.31
CA SER B 286 5.31 9.29 7.09
C SER B 286 6.30 10.17 6.33
N VAL B 287 6.30 11.44 6.69
CA VAL B 287 7.05 12.46 5.97
C VAL B 287 7.97 13.16 6.96
N ILE B 288 9.27 13.19 6.66
CA ILE B 288 10.25 13.99 7.39
C ILE B 288 10.48 15.26 6.59
N LEU B 289 10.05 16.38 7.13
CA LEU B 289 10.03 17.65 6.40
C LEU B 289 11.25 18.47 6.77
N PHE B 290 12.12 18.72 5.80
CA PHE B 290 13.34 19.49 5.98
C PHE B 290 13.16 20.86 5.34
N LEU B 291 13.03 21.90 6.17
CA LEU B 291 12.90 23.27 5.69
C LEU B 291 14.30 23.84 5.50
N ASN B 292 14.85 23.65 4.31
CA ASN B 292 16.21 24.06 4.01
C ASN B 292 16.27 25.58 3.83
N LYS B 293 17.48 26.07 3.55
CA LYS B 293 17.72 27.47 3.18
C LYS B 293 17.28 28.43 4.28
N GLN B 294 17.77 28.18 5.50
CA GLN B 294 17.45 29.08 6.60
C GLN B 294 18.38 30.28 6.65
N ASP B 295 19.62 30.14 6.15
CA ASP B 295 20.55 31.26 6.13
C ASP B 295 20.07 32.34 5.16
N LEU B 296 19.70 31.94 3.94
CA LEU B 296 19.17 32.89 2.98
C LEU B 296 17.84 33.48 3.47
N LEU B 297 17.05 32.67 4.17
CA LEU B 297 15.80 33.18 4.72
C LEU B 297 16.07 34.26 5.76
N ALA B 298 17.03 34.05 6.65
CA ALA B 298 17.38 35.06 7.63
C ALA B 298 17.89 36.32 6.96
N GLU B 299 18.80 36.17 5.98
CA GLU B 299 19.36 37.35 5.33
C GLU B 299 18.29 38.11 4.54
N LYS B 300 17.30 37.42 3.99
CA LYS B 300 16.23 38.09 3.25
C LYS B 300 15.18 38.70 4.17
N VAL B 301 15.00 38.16 5.37
CA VAL B 301 14.06 38.77 6.30
C VAL B 301 14.66 40.00 6.95
N LEU B 302 15.96 39.97 7.26
CA LEU B 302 16.61 41.19 7.75
C LEU B 302 16.74 42.22 6.63
N ALA B 303 17.18 41.79 5.44
CA ALA B 303 17.35 42.75 4.34
C ALA B 303 16.04 43.31 3.85
N GLY B 304 14.91 42.62 4.07
CA GLY B 304 13.63 43.12 3.65
C GLY B 304 13.43 43.22 2.16
N LYS B 305 14.16 42.42 1.38
CA LYS B 305 14.06 42.52 -0.09
C LYS B 305 12.70 42.02 -0.57
N SER B 306 12.20 40.92 -0.01
CA SER B 306 10.91 40.37 -0.38
C SER B 306 10.21 39.86 0.87
N LYS B 307 8.92 40.16 0.98
CA LYS B 307 8.13 39.76 2.13
C LYS B 307 7.25 38.56 1.81
N ILE B 308 6.93 37.79 2.85
CA ILE B 308 5.98 36.71 2.70
C ILE B 308 4.56 37.25 2.64
N GLU B 309 4.31 38.42 3.23
CA GLU B 309 3.02 39.07 3.11
C GLU B 309 2.68 39.41 1.66
N ASP B 310 3.69 39.53 0.79
CA ASP B 310 3.44 39.72 -0.63
C ASP B 310 2.99 38.43 -1.32
N TYR B 311 3.05 37.30 -0.63
CA TYR B 311 2.57 36.03 -1.16
C TYR B 311 1.71 35.26 -0.17
N PHE B 312 1.71 35.63 1.11
CA PHE B 312 0.92 34.99 2.15
C PHE B 312 0.33 36.08 3.02
N PRO B 313 -0.80 36.66 2.63
CA PRO B 313 -1.32 37.83 3.34
C PRO B 313 -1.65 37.57 4.80
N GLU B 314 -1.82 36.31 5.21
CA GLU B 314 -2.05 36.00 6.61
C GLU B 314 -0.75 35.91 7.41
N PHE B 315 0.38 36.30 6.81
CA PHE B 315 1.64 36.34 7.57
C PHE B 315 1.58 37.43 8.62
N ALA B 316 1.02 38.59 8.29
CA ALA B 316 0.67 39.57 9.30
C ALA B 316 -0.39 38.99 10.22
N ARG B 317 -0.48 39.54 11.43
CA ARG B 317 -1.36 39.08 12.49
C ARG B 317 -0.98 37.70 13.01
N TYR B 318 0.13 37.13 12.55
CA TYR B 318 0.62 35.85 13.03
C TYR B 318 1.59 36.07 14.18
N THR B 319 1.27 35.52 15.34
CA THR B 319 2.11 35.63 16.53
C THR B 319 2.92 34.36 16.68
N THR B 320 4.23 34.51 16.90
CA THR B 320 5.09 33.37 17.12
C THR B 320 4.64 32.59 18.35
N PRO B 321 4.54 31.25 18.26
CA PRO B 321 4.11 30.46 19.42
C PRO B 321 5.07 30.57 20.59
N GLU B 322 4.71 29.92 21.71
CA GLU B 322 5.49 30.07 22.94
C GLU B 322 6.70 29.14 22.96
N ASP B 323 6.51 27.87 22.63
CA ASP B 323 7.56 26.88 22.78
C ASP B 323 8.63 27.05 21.70
N ALA B 324 9.60 26.14 21.73
CA ALA B 324 10.66 26.03 20.71
C ALA B 324 11.48 27.33 20.65
N THR B 325 12.21 27.56 21.74
CA THR B 325 13.09 28.72 21.83
C THR B 325 14.11 28.70 20.69
N PRO B 326 14.39 29.84 20.06
CA PRO B 326 15.36 29.86 18.96
C PRO B 326 16.78 30.05 19.47
N GLU B 327 17.73 29.75 18.58
CA GLU B 327 19.13 30.03 18.88
C GLU B 327 19.34 31.55 18.93
N PRO B 328 20.24 32.04 19.79
CA PRO B 328 20.27 33.49 20.07
C PRO B 328 20.63 34.36 18.87
N GLY B 329 21.42 33.85 17.93
CA GLY B 329 21.98 34.71 16.90
C GLY B 329 21.02 35.24 15.86
N GLU B 330 19.78 34.77 15.84
CA GLU B 330 18.83 35.12 14.78
C GLU B 330 17.85 36.18 15.27
N ASP B 331 17.42 37.04 14.34
CA ASP B 331 16.44 38.06 14.65
C ASP B 331 15.07 37.41 14.88
N PRO B 332 14.26 37.92 15.82
CA PRO B 332 12.96 37.28 16.10
C PRO B 332 12.02 37.21 14.91
N ARG B 333 12.17 38.11 13.94
CA ARG B 333 11.30 38.07 12.77
C ARG B 333 11.61 36.87 11.89
N VAL B 334 12.88 36.45 11.84
CA VAL B 334 13.23 35.21 11.15
C VAL B 334 12.56 34.03 11.83
N THR B 335 12.53 34.03 13.17
CA THR B 335 11.79 33.03 13.91
C THR B 335 10.31 33.04 13.51
N ARG B 336 9.72 34.24 13.43
CA ARG B 336 8.32 34.33 13.05
C ARG B 336 8.08 33.74 11.67
N ALA B 337 8.96 34.04 10.71
CA ALA B 337 8.80 33.51 9.36
C ALA B 337 8.93 31.99 9.33
N LYS B 338 9.97 31.46 9.98
CA LYS B 338 10.19 30.03 10.01
C LYS B 338 8.99 29.30 10.62
N TYR B 339 8.48 29.80 11.75
CA TYR B 339 7.37 29.12 12.39
C TYR B 339 6.06 29.33 11.63
N PHE B 340 5.93 30.44 10.90
CA PHE B 340 4.77 30.60 10.03
C PHE B 340 4.77 29.56 8.92
N ILE B 341 5.93 29.29 8.33
CA ILE B 341 6.00 28.27 7.28
C ILE B 341 5.76 26.88 7.88
N ARG B 342 6.34 26.62 9.05
CA ARG B 342 6.11 25.34 9.71
C ARG B 342 4.63 25.15 10.03
N ASP B 343 3.93 26.22 10.41
CA ASP B 343 2.51 26.11 10.66
C ASP B 343 1.72 25.95 9.37
N GLU B 344 2.18 26.56 8.28
CA GLU B 344 1.55 26.34 6.99
C GLU B 344 1.59 24.88 6.60
N PHE B 345 2.71 24.20 6.90
CA PHE B 345 2.77 22.77 6.61
C PHE B 345 1.99 21.94 7.62
N LEU B 346 2.03 22.33 8.90
CA LEU B 346 1.37 21.55 9.93
C LEU B 346 -0.15 21.65 9.87
N ARG B 347 -0.69 22.72 9.29
CA ARG B 347 -2.13 22.79 9.07
C ARG B 347 -2.59 21.66 8.15
N ILE B 348 -1.90 21.50 7.03
CA ILE B 348 -2.19 20.39 6.12
C ILE B 348 -1.95 19.06 6.83
N SER B 349 -0.84 18.96 7.56
CA SER B 349 -0.50 17.70 8.22
C SER B 349 -1.54 17.31 9.27
N THR B 350 -1.98 18.30 10.05
CA THR B 350 -2.99 18.11 11.10
C THR B 350 -4.45 17.83 10.72
N ALA B 351 -4.93 18.52 9.69
CA ALA B 351 -6.34 18.47 9.25
C ALA B 351 -7.08 17.25 8.64
N SER B 352 -6.46 16.49 7.74
CA SER B 352 -7.20 15.37 7.08
C SER B 352 -7.70 14.17 7.90
N GLY B 353 -6.86 13.63 8.78
CA GLY B 353 -7.21 12.54 9.68
C GLY B 353 -7.64 11.18 9.13
N ASP B 354 -7.72 11.08 7.80
CA ASP B 354 -8.15 9.84 7.13
C ASP B 354 -7.27 8.58 7.27
N GLY B 355 -5.95 8.75 7.19
CA GLY B 355 -5.02 7.64 7.25
C GLY B 355 -3.98 7.82 8.33
N ARG B 356 -3.36 6.72 8.72
CA ARG B 356 -2.35 6.78 9.78
C ARG B 356 -0.96 7.09 9.26
N HIS B 357 -0.38 8.16 9.80
CA HIS B 357 0.97 8.60 9.46
C HIS B 357 1.22 9.93 10.16
N TYR B 358 2.50 10.28 10.25
CA TYR B 358 2.92 11.44 11.03
C TYR B 358 3.91 12.27 10.23
N CYS B 359 4.01 13.55 10.59
CA CYS B 359 4.93 14.48 9.97
C CYS B 359 5.95 14.95 11.00
N TYR B 360 7.20 15.06 10.57
CA TYR B 360 8.30 15.44 11.45
C TYR B 360 9.02 16.64 10.84
N PRO B 361 8.62 17.86 11.20
CA PRO B 361 9.24 19.05 10.61
C PRO B 361 10.55 19.40 11.31
N HIS B 362 11.58 19.70 10.51
CA HIS B 362 12.88 20.07 11.03
C HIS B 362 13.39 21.30 10.29
N PHE B 363 14.35 21.98 10.91
CA PHE B 363 15.06 23.09 10.28
C PHE B 363 16.47 22.62 9.93
N THR B 364 16.86 22.79 8.67
CA THR B 364 18.19 22.38 8.24
C THR B 364 18.95 23.54 7.62
N CYS B 365 20.12 23.25 7.05
CA CYS B 365 20.94 24.25 6.38
C CYS B 365 21.99 23.53 5.56
N ALA B 366 22.78 24.31 4.83
CA ALA B 366 23.91 23.73 4.10
C ALA B 366 25.08 23.44 5.03
N VAL B 367 25.34 24.35 5.97
CA VAL B 367 26.43 24.18 6.92
C VAL B 367 26.13 23.13 7.98
N ASP B 368 24.89 22.63 8.03
CA ASP B 368 24.51 21.65 9.04
C ASP B 368 25.20 20.32 8.78
N THR B 369 25.38 19.55 9.85
CA THR B 369 26.06 18.25 9.76
C THR B 369 25.38 17.14 10.53
N GLU B 370 24.27 17.41 11.23
CA GLU B 370 23.62 16.41 12.08
C GLU B 370 22.26 15.99 11.54
N ASN B 371 22.12 15.89 10.22
CA ASN B 371 20.84 15.50 9.63
C ASN B 371 20.65 13.98 9.65
N ILE B 372 21.75 13.21 9.59
CA ILE B 372 21.62 11.77 9.61
C ILE B 372 21.07 11.29 10.95
N ARG B 373 21.46 11.94 12.05
CA ARG B 373 20.91 11.56 13.35
C ARG B 373 19.45 11.98 13.47
N ARG B 374 19.06 13.09 12.85
CA ARG B 374 17.66 13.46 12.81
C ARG B 374 16.83 12.40 12.09
N VAL B 375 17.30 11.96 10.92
CA VAL B 375 16.58 10.92 10.18
C VAL B 375 16.56 9.62 10.98
N PHE B 376 17.67 9.31 11.66
CA PHE B 376 17.74 8.13 12.49
C PHE B 376 16.67 8.15 13.59
N ASN B 377 16.59 9.27 14.32
CA ASN B 377 15.64 9.36 15.42
C ASN B 377 14.20 9.36 14.92
N ASP B 378 13.94 10.05 13.80
CA ASP B 378 12.57 10.08 13.28
C ASP B 378 12.14 8.72 12.78
N CYS B 379 13.04 7.97 12.13
CA CYS B 379 12.69 6.63 11.69
C CYS B 379 12.54 5.68 12.87
N ARG B 380 13.33 5.88 13.94
CA ARG B 380 13.13 5.10 15.15
C ARG B 380 11.74 5.33 15.73
N ASP B 381 11.30 6.59 15.78
CA ASP B 381 9.95 6.89 16.26
C ASP B 381 8.89 6.29 15.34
N ILE B 382 9.11 6.35 14.04
CA ILE B 382 8.16 5.77 13.08
C ILE B 382 8.02 4.27 13.33
N ILE B 383 9.14 3.57 13.48
CA ILE B 383 9.10 2.13 13.69
C ILE B 383 8.50 1.78 15.05
N GLN B 384 8.75 2.61 16.07
CA GLN B 384 8.11 2.40 17.36
C GLN B 384 6.60 2.48 17.26
N ARG B 385 6.09 3.53 16.60
CA ARG B 385 4.65 3.67 16.43
C ARG B 385 4.09 2.57 15.54
N MET B 386 4.89 2.04 14.62
CA MET B 386 4.47 0.91 13.80
C MET B 386 4.30 -0.35 14.64
N HIS B 387 5.27 -0.62 15.52
CA HIS B 387 5.18 -1.77 16.41
C HIS B 387 4.03 -1.62 17.39
N LEU B 388 3.77 -0.41 17.83
CA LEU B 388 2.72 -0.14 18.81
C LEU B 388 1.33 -0.54 18.35
N ARG B 389 1.04 -0.33 17.07
CA ARG B 389 -0.27 -0.65 16.52
C ARG B 389 -0.66 -2.14 16.57
N GLN B 390 0.34 -3.00 16.58
CA GLN B 390 0.13 -4.45 16.58
C GLN B 390 -0.65 -4.88 17.81
N TYR B 391 -0.38 -4.24 18.93
CA TYR B 391 -1.07 -4.57 20.16
C TYR B 391 -2.57 -4.32 20.12
N GLU B 392 -3.01 -3.26 19.47
CA GLU B 392 -4.45 -2.98 19.40
C GLU B 392 -5.09 -3.59 18.17
N LEU B 393 -6.19 -4.32 18.40
CA LEU B 393 -7.01 -5.00 17.37
C LEU B 393 -6.24 -6.15 16.75
N GLN C 19 0.70 33.06 -34.46
CA GLN C 19 -0.34 33.50 -33.54
C GLN C 19 -1.72 33.13 -34.06
N SER C 20 -2.13 33.73 -35.18
CA SER C 20 -3.43 33.42 -35.75
C SER C 20 -3.42 32.10 -36.52
N GLU C 21 -2.27 31.74 -37.12
CA GLU C 21 -2.18 30.46 -37.81
C GLU C 21 -2.35 29.29 -36.85
N LEU C 22 -1.94 29.46 -35.59
CA LEU C 22 -2.16 28.42 -34.60
C LEU C 22 -3.64 28.22 -34.35
N ASP C 23 -4.41 29.30 -34.26
CA ASP C 23 -5.86 29.18 -34.11
C ASP C 23 -6.50 28.61 -35.37
N GLN C 24 -5.94 28.93 -36.54
CA GLN C 24 -6.37 28.29 -37.78
C GLN C 24 -6.21 26.78 -37.70
N LEU C 25 -5.05 26.32 -37.22
CA LEU C 25 -4.80 24.89 -37.12
C LEU C 25 -5.72 24.25 -36.08
N ARG C 26 -5.98 24.94 -34.98
CA ARG C 26 -6.92 24.41 -33.99
C ARG C 26 -8.33 24.30 -34.54
N GLN C 27 -8.75 25.28 -35.35
CA GLN C 27 -10.07 25.22 -35.97
C GLN C 27 -10.15 24.06 -36.96
N GLU C 28 -9.09 23.86 -37.75
CA GLU C 28 -9.05 22.70 -38.64
C GLU C 28 -9.14 21.40 -37.85
N ALA C 29 -8.42 21.33 -36.73
CA ALA C 29 -8.45 20.11 -35.91
C ALA C 29 -9.84 19.84 -35.35
N GLU C 30 -10.51 20.88 -34.86
CA GLU C 30 -11.86 20.69 -34.32
C GLU C 30 -12.86 20.34 -35.41
N GLN C 31 -12.68 20.89 -36.61
CA GLN C 31 -13.52 20.50 -37.74
C GLN C 31 -13.34 19.02 -38.06
N LEU C 32 -12.08 18.56 -38.09
CA LEU C 32 -11.83 17.14 -38.35
C LEU C 32 -12.40 16.27 -37.24
N LYS C 33 -12.32 16.73 -35.99
CA LYS C 33 -12.90 15.98 -34.89
C LYS C 33 -14.41 15.85 -35.04
N ASN C 34 -15.07 16.95 -35.41
CA ASN C 34 -16.51 16.89 -35.65
C ASN C 34 -16.85 15.95 -36.79
N GLN C 35 -16.05 15.97 -37.87
CA GLN C 35 -16.28 15.07 -38.99
C GLN C 35 -16.17 13.62 -38.57
N ILE C 36 -15.11 13.30 -37.81
CA ILE C 36 -14.91 11.92 -37.36
C ILE C 36 -16.05 11.48 -36.43
N ARG C 37 -16.49 12.38 -35.54
CA ARG C 37 -17.57 12.03 -34.63
C ARG C 37 -18.88 11.81 -35.37
N ASP C 38 -19.17 12.63 -36.38
CA ASP C 38 -20.38 12.42 -37.16
C ASP C 38 -20.30 11.14 -37.98
N ALA C 39 -19.12 10.80 -38.49
CA ALA C 39 -18.95 9.52 -39.17
C ALA C 39 -19.22 8.36 -38.22
N ARG C 40 -18.65 8.42 -37.02
CA ARG C 40 -18.90 7.38 -36.02
C ARG C 40 -20.39 7.26 -35.73
N LYS C 41 -21.07 8.38 -35.52
CA LYS C 41 -22.50 8.35 -35.24
C LYS C 41 -23.28 7.79 -36.43
N ALA C 42 -22.79 7.99 -37.64
CA ALA C 42 -23.44 7.43 -38.82
C ALA C 42 -23.29 5.92 -38.86
N CYS C 43 -22.12 5.41 -38.50
CA CYS C 43 -21.88 3.96 -38.52
C CYS C 43 -22.53 3.24 -37.34
N ALA C 44 -23.12 3.95 -36.38
CA ALA C 44 -23.75 3.35 -35.21
C ALA C 44 -25.25 3.24 -35.47
N ASP C 45 -25.71 2.02 -35.72
CA ASP C 45 -27.12 1.77 -36.02
C ASP C 45 -27.85 1.01 -34.92
N ALA C 46 -27.21 0.03 -34.29
CA ALA C 46 -27.83 -0.75 -33.25
C ALA C 46 -26.81 -1.04 -32.16
N THR C 47 -27.23 -0.91 -30.91
CA THR C 47 -26.35 -1.15 -29.78
C THR C 47 -26.06 -2.65 -29.65
N LEU C 48 -24.86 -2.97 -29.16
CA LEU C 48 -24.52 -4.35 -28.87
C LEU C 48 -25.47 -4.94 -27.83
N SER C 49 -25.86 -4.14 -26.85
CA SER C 49 -26.78 -4.59 -25.80
C SER C 49 -28.18 -4.85 -26.30
N GLN C 50 -28.45 -4.68 -27.60
CA GLN C 50 -29.76 -4.94 -28.16
C GLN C 50 -29.82 -6.27 -28.91
N ILE C 51 -28.82 -6.59 -29.73
CA ILE C 51 -28.81 -7.86 -30.45
C ILE C 51 -28.26 -9.00 -29.60
N THR C 52 -27.79 -8.70 -28.39
CA THR C 52 -27.35 -9.73 -27.45
C THR C 52 -28.39 -10.03 -26.39
N ASN C 53 -29.55 -9.38 -26.45
CA ASN C 53 -30.59 -9.53 -25.43
C ASN C 53 -31.27 -10.89 -25.47
N ASN C 54 -30.98 -11.72 -26.46
CA ASN C 54 -31.61 -13.03 -26.57
C ASN C 54 -30.70 -14.17 -26.12
N ILE C 55 -29.38 -14.04 -26.30
CA ILE C 55 -28.49 -15.13 -25.92
C ILE C 55 -28.56 -15.36 -24.41
N ASP C 56 -28.32 -16.61 -24.01
CA ASP C 56 -28.51 -17.00 -22.62
C ASP C 56 -27.31 -16.58 -21.77
N PRO C 57 -27.55 -16.13 -20.54
CA PRO C 57 -26.44 -15.75 -19.67
C PRO C 57 -25.55 -16.95 -19.34
N VAL C 58 -24.31 -16.65 -18.95
CA VAL C 58 -23.33 -17.68 -18.65
C VAL C 58 -23.64 -18.33 -17.31
N GLY C 59 -24.65 -17.82 -16.62
CA GLY C 59 -25.01 -18.32 -15.32
C GLY C 59 -24.19 -17.65 -14.22
N ARG C 60 -23.41 -18.45 -13.49
CA ARG C 60 -22.57 -17.93 -12.43
C ARG C 60 -21.24 -18.69 -12.44
N ILE C 61 -20.15 -17.95 -12.27
CA ILE C 61 -18.80 -18.50 -12.27
C ILE C 61 -18.33 -18.62 -10.83
N GLN C 62 -17.84 -19.80 -10.46
CA GLN C 62 -17.36 -20.08 -9.11
C GLN C 62 -15.93 -20.59 -9.21
N MET C 63 -14.97 -19.68 -9.19
CA MET C 63 -13.56 -20.03 -9.23
C MET C 63 -13.00 -20.08 -7.81
N ARG C 64 -12.16 -21.07 -7.54
CA ARG C 64 -11.58 -21.28 -6.22
C ARG C 64 -10.07 -21.34 -6.33
N THR C 65 -9.41 -20.96 -5.24
CA THR C 65 -7.96 -20.83 -5.21
C THR C 65 -7.32 -22.22 -5.18
N ARG C 66 -6.82 -22.67 -6.32
CA ARG C 66 -6.14 -23.96 -6.38
C ARG C 66 -4.76 -23.89 -5.75
N ARG C 67 -3.96 -22.89 -6.15
CA ARG C 67 -2.59 -22.75 -5.68
C ARG C 67 -2.41 -21.40 -5.02
N THR C 68 -1.32 -21.27 -4.26
CA THR C 68 -0.93 -19.98 -3.69
C THR C 68 0.60 -19.98 -3.59
N LEU C 69 1.24 -19.18 -4.43
CA LEU C 69 2.69 -19.16 -4.53
C LEU C 69 3.25 -18.14 -3.55
N ARG C 70 4.15 -18.58 -2.68
CA ARG C 70 4.78 -17.74 -1.67
C ARG C 70 6.28 -17.71 -1.89
N GLY C 71 6.90 -16.60 -1.49
CA GLY C 71 8.34 -16.45 -1.65
C GLY C 71 8.79 -15.05 -1.98
N HIS C 72 7.85 -14.15 -2.23
CA HIS C 72 8.17 -12.77 -2.53
C HIS C 72 8.14 -11.94 -1.25
N LEU C 73 9.05 -10.97 -1.15
CA LEU C 73 9.18 -10.16 0.06
C LEU C 73 8.38 -8.87 -0.01
N ALA C 74 8.25 -8.27 -1.19
CA ALA C 74 7.57 -7.00 -1.37
C ALA C 74 6.36 -7.20 -2.28
N LYS C 75 5.74 -6.10 -2.66
CA LYS C 75 4.59 -6.16 -3.55
C LYS C 75 4.99 -6.63 -4.95
N ILE C 76 4.07 -7.33 -5.59
CA ILE C 76 4.30 -7.90 -6.92
C ILE C 76 3.69 -6.95 -7.94
N TYR C 77 4.51 -6.45 -8.87
CA TYR C 77 3.91 -5.59 -9.89
C TYR C 77 3.51 -6.33 -11.15
N ALA C 78 4.35 -7.24 -11.64
CA ALA C 78 4.10 -7.86 -12.93
C ALA C 78 3.99 -9.36 -12.77
N MET C 79 3.58 -10.01 -13.86
CA MET C 79 3.39 -11.44 -13.94
C MET C 79 3.08 -11.79 -15.39
N HIS C 80 3.53 -12.96 -15.82
CA HIS C 80 3.31 -13.37 -17.21
C HIS C 80 3.43 -14.88 -17.31
N TRP C 81 2.43 -15.51 -17.93
CA TRP C 81 2.45 -16.94 -18.17
C TRP C 81 3.38 -17.28 -19.33
N GLY C 82 3.78 -18.54 -19.38
CA GLY C 82 4.50 -19.04 -20.53
C GLY C 82 3.58 -19.67 -21.55
N THR C 83 4.06 -19.79 -22.79
CA THR C 83 3.24 -20.36 -23.84
C THR C 83 3.05 -21.86 -23.70
N ASP C 84 3.89 -22.52 -22.89
CA ASP C 84 3.66 -23.91 -22.54
C ASP C 84 2.58 -24.08 -21.48
N SER C 85 2.00 -22.96 -21.01
CA SER C 85 0.86 -22.95 -20.11
C SER C 85 1.17 -23.54 -18.74
N ARG C 86 2.44 -23.70 -18.39
CA ARG C 86 2.82 -24.29 -17.12
C ARG C 86 3.71 -23.40 -16.27
N LEU C 87 4.68 -22.73 -16.87
CA LEU C 87 5.61 -21.90 -16.13
C LEU C 87 5.09 -20.48 -16.01
N LEU C 88 5.53 -19.79 -14.95
CA LEU C 88 5.03 -18.46 -14.63
C LEU C 88 6.19 -17.59 -14.19
N VAL C 89 6.09 -16.29 -14.44
CA VAL C 89 7.10 -15.33 -14.00
C VAL C 89 6.43 -14.30 -13.12
N SER C 90 7.18 -13.76 -12.16
CA SER C 90 6.66 -12.68 -11.33
C SER C 90 7.80 -11.76 -10.93
N ALA C 91 7.48 -10.47 -10.82
CA ALA C 91 8.43 -9.43 -10.49
C ALA C 91 8.00 -8.73 -9.22
N SER C 92 8.91 -8.64 -8.26
CA SER C 92 8.61 -8.03 -6.97
C SER C 92 9.49 -6.80 -6.76
N GLN C 93 8.99 -5.89 -5.93
CA GLN C 93 9.70 -4.64 -5.65
C GLN C 93 10.81 -4.80 -4.63
N ASP C 94 11.04 -6.01 -4.13
CA ASP C 94 12.24 -6.26 -3.34
C ASP C 94 13.46 -6.47 -4.21
N GLY C 95 13.27 -6.71 -5.49
CA GLY C 95 14.35 -6.95 -6.42
C GLY C 95 14.45 -8.36 -6.96
N LYS C 96 13.37 -9.13 -6.95
CA LYS C 96 13.39 -10.52 -7.36
C LYS C 96 12.52 -10.73 -8.60
N LEU C 97 13.04 -11.56 -9.50
CA LEU C 97 12.31 -12.06 -10.67
C LEU C 97 12.24 -13.57 -10.49
N ILE C 98 11.09 -14.08 -10.06
CA ILE C 98 10.95 -15.48 -9.70
C ILE C 98 10.18 -16.20 -10.79
N ILE C 99 10.75 -17.29 -11.29
CA ILE C 99 10.13 -18.17 -12.27
C ILE C 99 9.65 -19.41 -11.55
N TRP C 100 8.33 -19.58 -11.52
CA TRP C 100 7.64 -20.66 -10.82
C TRP C 100 7.20 -21.75 -11.77
N ASP C 101 7.20 -22.98 -11.29
CA ASP C 101 6.42 -24.05 -11.86
C ASP C 101 5.10 -24.11 -11.12
N SER C 102 4.00 -23.98 -11.85
CA SER C 102 2.69 -23.79 -11.21
C SER C 102 2.00 -25.11 -10.87
N TYR C 103 2.29 -26.18 -11.62
CA TYR C 103 1.68 -27.47 -11.31
C TYR C 103 2.15 -28.00 -9.97
N THR C 104 3.47 -27.95 -9.72
CA THR C 104 4.05 -28.50 -8.51
C THR C 104 4.41 -27.45 -7.47
N THR C 105 4.23 -26.16 -7.79
CA THR C 105 4.47 -25.04 -6.89
C THR C 105 5.94 -24.86 -6.56
N ASN C 106 6.83 -25.41 -7.39
CA ASN C 106 8.27 -25.29 -7.17
C ASN C 106 8.81 -24.06 -7.88
N LYS C 107 9.76 -23.39 -7.24
CA LYS C 107 10.44 -22.25 -7.86
C LYS C 107 11.53 -22.77 -8.77
N VAL C 108 11.42 -22.46 -10.07
CA VAL C 108 12.41 -22.94 -11.02
C VAL C 108 13.62 -22.02 -11.06
N HIS C 109 13.40 -20.71 -10.98
CA HIS C 109 14.49 -19.75 -10.98
C HIS C 109 14.17 -18.58 -10.05
N ALA C 110 15.22 -17.95 -9.56
CA ALA C 110 15.09 -16.72 -8.76
C ALA C 110 16.24 -15.80 -9.15
N ILE C 111 15.95 -14.80 -9.98
CA ILE C 111 16.96 -13.89 -10.53
C ILE C 111 16.99 -12.63 -9.68
N PRO C 112 18.16 -12.21 -9.19
CA PRO C 112 18.26 -10.90 -8.53
C PRO C 112 18.52 -9.79 -9.52
N LEU C 113 17.77 -8.70 -9.43
CA LEU C 113 17.85 -7.60 -10.37
C LEU C 113 18.79 -6.52 -9.85
N ARG C 114 19.32 -5.73 -10.78
CA ARG C 114 20.20 -4.63 -10.39
C ARG C 114 19.44 -3.50 -9.72
N SER C 115 18.19 -3.27 -10.13
CA SER C 115 17.36 -2.23 -9.56
C SER C 115 16.15 -2.87 -8.89
N SER C 116 15.75 -2.31 -7.75
CA SER C 116 14.65 -2.86 -6.96
C SER C 116 13.28 -2.39 -7.42
N TRP C 117 13.21 -1.45 -8.35
CA TRP C 117 11.96 -0.78 -8.71
C TRP C 117 11.38 -1.29 -10.01
N VAL C 118 11.46 -2.61 -10.23
CA VAL C 118 10.86 -3.22 -11.41
C VAL C 118 9.36 -2.98 -11.41
N MET C 119 8.82 -2.69 -12.60
CA MET C 119 7.40 -2.44 -12.77
C MET C 119 6.76 -3.35 -13.81
N THR C 120 7.54 -4.06 -14.61
CA THR C 120 7.01 -4.94 -15.63
C THR C 120 7.94 -6.12 -15.83
N CYS C 121 7.39 -7.21 -16.37
CA CYS C 121 8.16 -8.40 -16.68
C CYS C 121 7.46 -9.15 -17.80
N ALA C 122 8.25 -9.87 -18.60
CA ALA C 122 7.71 -10.58 -19.75
C ALA C 122 8.48 -11.89 -19.94
N TYR C 123 7.77 -12.89 -20.43
CA TYR C 123 8.35 -14.20 -20.71
C TYR C 123 8.30 -14.45 -22.21
N ALA C 124 9.45 -14.80 -22.78
CA ALA C 124 9.54 -14.96 -24.23
C ALA C 124 8.64 -16.12 -24.68
N PRO C 125 8.01 -16.00 -25.86
CA PRO C 125 7.15 -17.09 -26.35
C PRO C 125 7.90 -18.38 -26.65
N SER C 126 9.23 -18.38 -26.55
CA SER C 126 10.01 -19.60 -26.70
C SER C 126 10.45 -20.19 -25.37
N GLY C 127 10.39 -19.42 -24.28
CA GLY C 127 10.83 -19.88 -22.99
C GLY C 127 12.31 -19.74 -22.73
N ASN C 128 13.02 -18.99 -23.57
CA ASN C 128 14.47 -18.86 -23.45
C ASN C 128 14.91 -17.57 -22.77
N TYR C 129 14.12 -16.51 -22.85
CA TYR C 129 14.51 -15.21 -22.32
C TYR C 129 13.41 -14.64 -21.45
N VAL C 130 13.81 -13.73 -20.57
CA VAL C 130 12.88 -12.99 -19.71
C VAL C 130 13.29 -11.53 -19.69
N ALA C 131 12.32 -10.64 -19.89
CA ALA C 131 12.57 -9.21 -19.87
C ALA C 131 12.03 -8.59 -18.59
N CYS C 132 12.67 -7.51 -18.15
CA CYS C 132 12.17 -6.77 -17.00
C CYS C 132 12.68 -5.34 -17.06
N GLY C 133 11.84 -4.41 -16.64
CA GLY C 133 12.21 -3.01 -16.60
C GLY C 133 11.50 -2.30 -15.47
N GLY C 134 11.85 -1.03 -15.27
CA GLY C 134 11.25 -0.27 -14.20
C GLY C 134 11.65 1.19 -14.15
N LEU C 135 11.85 1.73 -12.94
CA LEU C 135 12.17 3.14 -12.78
C LEU C 135 13.56 3.50 -13.29
N ASP C 136 14.38 2.53 -13.67
CA ASP C 136 15.71 2.81 -14.18
C ASP C 136 15.74 3.06 -15.68
N ASN C 137 14.59 3.07 -16.35
CA ASN C 137 14.46 3.39 -17.77
C ASN C 137 15.23 2.42 -18.66
N ILE C 138 15.50 1.21 -18.17
CA ILE C 138 16.28 0.21 -18.90
C ILE C 138 15.49 -1.08 -18.94
N CYS C 139 15.55 -1.78 -20.07
CA CYS C 139 14.92 -3.09 -20.23
C CYS C 139 16.01 -4.15 -20.26
N SER C 140 16.08 -4.97 -19.22
CA SER C 140 17.09 -6.02 -19.12
C SER C 140 16.51 -7.33 -19.64
N ILE C 141 17.28 -8.00 -20.49
CA ILE C 141 16.93 -9.28 -21.07
C ILE C 141 17.86 -10.33 -20.47
N TYR C 142 17.29 -11.35 -19.85
CA TYR C 142 18.01 -12.44 -19.19
C TYR C 142 17.85 -13.72 -19.99
N ASN C 143 18.95 -14.44 -20.16
CA ASN C 143 18.97 -15.74 -20.84
C ASN C 143 18.73 -16.84 -19.81
N LEU C 144 17.74 -17.69 -20.07
CA LEU C 144 17.38 -18.76 -19.14
C LEU C 144 18.05 -20.08 -19.45
N LYS C 145 18.73 -20.20 -20.59
CA LYS C 145 19.31 -21.47 -21.02
C LYS C 145 20.77 -21.28 -21.41
N THR C 146 21.53 -20.60 -20.54
CA THR C 146 22.96 -20.45 -20.76
C THR C 146 23.64 -21.81 -20.70
N ARG C 147 24.89 -21.85 -21.17
CA ARG C 147 25.61 -23.11 -21.31
C ARG C 147 26.04 -23.64 -19.95
N GLU C 148 25.15 -24.39 -19.30
CA GLU C 148 25.42 -25.02 -18.01
C GLU C 148 25.87 -24.01 -16.95
N GLY C 149 25.30 -22.81 -16.98
CA GLY C 149 25.70 -21.78 -16.04
C GLY C 149 24.53 -21.13 -15.32
N ASN C 150 24.74 -19.91 -14.86
CA ASN C 150 23.73 -19.17 -14.12
C ASN C 150 22.76 -18.50 -15.10
N VAL C 151 21.86 -17.68 -14.55
CA VAL C 151 21.02 -16.79 -15.34
C VAL C 151 21.65 -15.40 -15.29
N ARG C 152 22.05 -14.89 -16.45
CA ARG C 152 22.81 -13.66 -16.54
C ARG C 152 22.11 -12.68 -17.49
N VAL C 153 22.41 -11.40 -17.30
CA VAL C 153 21.82 -10.36 -18.14
C VAL C 153 22.34 -10.52 -19.55
N SER C 154 21.47 -10.96 -20.47
CA SER C 154 21.88 -11.10 -21.86
C SER C 154 22.04 -9.74 -22.52
N ARG C 155 21.11 -8.82 -22.27
CA ARG C 155 21.15 -7.50 -22.89
C ARG C 155 20.59 -6.46 -21.94
N GLU C 156 20.94 -5.21 -22.20
CA GLU C 156 20.36 -4.07 -21.48
C GLU C 156 20.03 -2.99 -22.49
N LEU C 157 18.75 -2.89 -22.86
CA LEU C 157 18.27 -1.90 -23.82
C LEU C 157 18.01 -0.59 -23.08
N ALA C 158 18.80 0.43 -23.40
CA ALA C 158 18.65 1.77 -22.84
C ALA C 158 18.39 2.75 -23.97
N GLY C 159 17.71 3.84 -23.63
CA GLY C 159 17.34 4.83 -24.62
C GLY C 159 16.00 5.48 -24.37
N HIS C 160 15.25 4.97 -23.40
CA HIS C 160 14.02 5.61 -22.99
C HIS C 160 14.32 6.75 -22.01
N THR C 161 13.37 7.66 -21.88
CA THR C 161 13.54 8.83 -21.03
C THR C 161 12.75 8.76 -19.73
N GLY C 162 11.66 7.98 -19.70
CA GLY C 162 10.90 7.77 -18.48
C GLY C 162 10.91 6.32 -18.08
N TYR C 163 10.26 6.05 -16.95
CA TYR C 163 10.19 4.69 -16.43
C TYR C 163 9.55 3.76 -17.44
N LEU C 164 9.95 2.49 -17.40
CA LEU C 164 9.47 1.49 -18.33
C LEU C 164 8.26 0.78 -17.72
N SER C 165 7.10 0.95 -18.35
CA SER C 165 5.85 0.50 -17.74
C SER C 165 5.35 -0.84 -18.27
N CYS C 166 5.76 -1.23 -19.47
CA CYS C 166 5.34 -2.51 -20.04
C CYS C 166 6.33 -2.91 -21.12
N CYS C 167 6.39 -4.21 -21.38
CA CYS C 167 7.25 -4.75 -22.42
C CYS C 167 6.71 -6.11 -22.83
N ARG C 168 6.81 -6.41 -24.12
CA ARG C 168 6.30 -7.66 -24.66
C ARG C 168 7.22 -8.15 -25.76
N PHE C 169 7.46 -9.46 -25.78
CA PHE C 169 8.29 -10.06 -26.82
C PHE C 169 7.47 -10.29 -28.08
N LEU C 170 8.06 -9.96 -29.23
CA LEU C 170 7.54 -10.41 -30.51
C LEU C 170 8.11 -11.77 -30.88
N ASP C 171 9.42 -11.93 -30.73
CA ASP C 171 10.11 -13.21 -30.84
C ASP C 171 11.36 -13.12 -29.97
N ASP C 172 12.29 -14.06 -30.16
CA ASP C 172 13.53 -14.02 -29.39
C ASP C 172 14.43 -12.84 -29.75
N ASN C 173 14.08 -12.04 -30.75
CA ASN C 173 14.95 -10.98 -31.22
C ASN C 173 14.33 -9.58 -31.19
N GLN C 174 13.01 -9.47 -31.17
CA GLN C 174 12.33 -8.17 -31.19
C GLN C 174 11.51 -7.99 -29.94
N ILE C 175 11.47 -6.76 -29.42
CA ILE C 175 10.71 -6.49 -28.20
C ILE C 175 10.13 -5.09 -28.26
N VAL C 176 8.86 -4.95 -27.87
CA VAL C 176 8.18 -3.67 -27.85
C VAL C 176 7.96 -3.25 -26.40
N THR C 177 8.26 -1.99 -26.09
CA THR C 177 8.24 -1.49 -24.72
C THR C 177 7.49 -0.16 -24.65
N SER C 178 6.64 -0.03 -23.64
CA SER C 178 6.02 1.24 -23.29
C SER C 178 6.78 1.92 -22.16
N SER C 179 6.85 3.25 -22.24
CA SER C 179 7.61 4.02 -21.28
C SER C 179 6.79 5.19 -20.77
N GLY C 180 7.21 5.72 -19.63
CA GLY C 180 6.60 6.89 -19.05
C GLY C 180 6.97 8.20 -19.68
N ASP C 181 7.77 8.19 -20.74
CA ASP C 181 8.09 9.39 -21.49
C ASP C 181 7.21 9.56 -22.72
N THR C 182 6.01 8.96 -22.70
CA THR C 182 4.93 9.12 -23.68
C THR C 182 5.21 8.47 -25.02
N THR C 183 6.19 7.57 -25.12
CA THR C 183 6.54 6.93 -26.38
C THR C 183 6.64 5.43 -26.19
N CYS C 184 6.37 4.69 -27.27
CA CYS C 184 6.64 3.27 -27.34
C CYS C 184 7.84 3.03 -28.25
N ALA C 185 8.50 1.89 -28.06
CA ALA C 185 9.69 1.60 -28.85
C ALA C 185 9.75 0.13 -29.21
N LEU C 186 10.16 -0.14 -30.44
CA LEU C 186 10.43 -1.50 -30.90
C LEU C 186 11.94 -1.65 -31.08
N TRP C 187 12.53 -2.56 -30.31
CA TRP C 187 13.96 -2.79 -30.24
C TRP C 187 14.31 -4.12 -30.89
N ASP C 188 15.46 -4.15 -31.54
CA ASP C 188 16.12 -5.38 -31.95
C ASP C 188 17.12 -5.76 -30.86
N ILE C 189 16.92 -6.92 -30.23
CA ILE C 189 17.71 -7.28 -29.05
C ILE C 189 19.15 -7.54 -29.43
N GLU C 190 19.39 -8.17 -30.58
CA GLU C 190 20.75 -8.52 -30.99
C GLU C 190 21.60 -7.26 -31.16
N THR C 191 21.12 -6.31 -31.96
CA THR C 191 21.86 -5.06 -32.15
C THR C 191 21.89 -4.24 -30.86
N GLY C 192 20.73 -3.91 -30.31
CA GLY C 192 20.65 -3.21 -29.05
C GLY C 192 20.08 -1.80 -29.13
N GLN C 193 19.67 -1.34 -30.30
CA GLN C 193 19.13 0.00 -30.47
C GLN C 193 17.68 -0.07 -30.96
N GLN C 194 16.98 1.05 -30.83
CA GLN C 194 15.58 1.11 -31.21
C GLN C 194 15.45 0.96 -32.73
N THR C 195 14.68 -0.03 -33.16
CA THR C 195 14.36 -0.15 -34.58
C THR C 195 13.27 0.81 -34.98
N THR C 196 12.26 0.99 -34.14
CA THR C 196 11.14 1.88 -34.45
C THR C 196 10.71 2.60 -33.19
N THR C 197 10.14 3.80 -33.38
CA THR C 197 9.59 4.57 -32.27
C THR C 197 8.17 4.99 -32.60
N PHE C 198 7.26 4.80 -31.66
CA PHE C 198 5.86 5.14 -31.82
C PHE C 198 5.55 6.32 -30.89
N THR C 199 5.31 7.49 -31.50
CA THR C 199 4.98 8.70 -30.78
C THR C 199 3.56 9.13 -31.11
N GLY C 200 3.02 10.00 -30.27
CA GLY C 200 1.65 10.46 -30.45
C GLY C 200 0.87 10.59 -29.15
N HIS C 201 1.20 9.78 -28.16
CA HIS C 201 0.57 9.90 -26.85
C HIS C 201 1.06 11.16 -26.14
N THR C 202 0.19 11.75 -25.33
CA THR C 202 0.54 12.92 -24.54
C THR C 202 0.66 12.62 -23.05
N GLY C 203 0.45 11.37 -22.64
CA GLY C 203 0.63 10.98 -21.26
C GLY C 203 1.50 9.75 -21.15
N ASP C 204 1.73 9.34 -19.90
CA ASP C 204 2.52 8.14 -19.64
C ASP C 204 1.80 6.93 -20.21
N VAL C 205 2.45 6.23 -21.13
CA VAL C 205 1.89 5.00 -21.67
C VAL C 205 1.98 3.92 -20.60
N MET C 206 0.82 3.41 -20.19
CA MET C 206 0.74 2.52 -19.03
C MET C 206 0.77 1.05 -19.38
N SER C 207 0.21 0.66 -20.52
CA SER C 207 0.16 -0.74 -20.89
C SER C 207 0.14 -0.87 -22.41
N LEU C 208 0.47 -2.06 -22.89
CA LEU C 208 0.39 -2.38 -24.31
C LEU C 208 -0.06 -3.83 -24.44
N SER C 209 -0.71 -4.13 -25.56
CA SER C 209 -1.22 -5.47 -25.81
C SER C 209 -0.96 -5.85 -27.25
N LEU C 210 -0.33 -7.01 -27.44
CA LEU C 210 -0.08 -7.54 -28.77
C LEU C 210 -1.33 -8.22 -29.32
N ALA C 211 -1.50 -8.14 -30.63
CA ALA C 211 -2.61 -8.81 -31.30
C ALA C 211 -2.30 -10.28 -31.48
N PRO C 212 -3.31 -11.11 -31.77
CA PRO C 212 -3.04 -12.51 -32.16
C PRO C 212 -1.94 -12.64 -33.19
N ASP C 213 -2.04 -11.90 -34.29
CA ASP C 213 -0.91 -11.74 -35.20
C ASP C 213 0.01 -10.64 -34.68
N THR C 214 1.27 -10.71 -35.10
CA THR C 214 2.29 -9.76 -34.64
C THR C 214 2.37 -8.52 -35.52
N ARG C 215 1.28 -8.13 -36.17
CA ARG C 215 1.26 -6.97 -37.04
C ARG C 215 0.91 -5.68 -36.32
N LEU C 216 -0.03 -5.74 -35.36
CA LEU C 216 -0.57 -4.56 -34.71
C LEU C 216 -0.42 -4.68 -33.21
N PHE C 217 -0.53 -3.54 -32.53
CA PHE C 217 -0.65 -3.57 -31.07
C PHE C 217 -1.31 -2.28 -30.59
N VAL C 218 -2.09 -2.40 -29.52
CA VAL C 218 -2.77 -1.26 -28.93
C VAL C 218 -1.98 -0.80 -27.71
N SER C 219 -2.08 0.49 -27.40
CA SER C 219 -1.42 1.06 -26.24
C SER C 219 -2.33 2.09 -25.59
N GLY C 220 -2.42 2.03 -24.26
CA GLY C 220 -3.19 2.99 -23.49
C GLY C 220 -2.28 3.88 -22.69
N ALA C 221 -2.73 5.12 -22.45
CA ALA C 221 -1.91 6.10 -21.76
C ALA C 221 -2.76 6.86 -20.74
N CYS C 222 -2.13 7.83 -20.09
CA CYS C 222 -2.79 8.64 -19.07
C CYS C 222 -3.68 9.74 -19.67
N ASP C 223 -3.61 9.97 -20.97
CA ASP C 223 -4.45 10.97 -21.61
C ASP C 223 -5.86 10.46 -21.92
N ALA C 224 -6.25 9.35 -21.28
CA ALA C 224 -7.60 8.77 -21.43
C ALA C 224 -7.88 8.36 -22.87
N SER C 225 -6.86 7.92 -23.59
CA SER C 225 -7.03 7.46 -24.97
C SER C 225 -6.21 6.23 -25.20
N ALA C 226 -6.64 5.42 -26.16
CA ALA C 226 -5.89 4.26 -26.63
C ALA C 226 -5.58 4.45 -28.11
N LYS C 227 -4.47 3.87 -28.54
CA LYS C 227 -4.05 4.00 -29.93
C LYS C 227 -3.70 2.63 -30.49
N LEU C 228 -3.88 2.50 -31.81
CA LEU C 228 -3.54 1.28 -32.53
C LEU C 228 -2.33 1.57 -33.41
N TRP C 229 -1.26 0.80 -33.23
CA TRP C 229 -0.01 1.00 -33.95
C TRP C 229 0.29 -0.21 -34.83
N ASP C 230 0.73 0.06 -36.05
CA ASP C 230 1.27 -0.97 -36.91
C ASP C 230 2.76 -1.15 -36.63
N VAL C 231 3.18 -2.39 -36.42
CA VAL C 231 4.56 -2.65 -36.05
C VAL C 231 5.50 -2.47 -37.24
N ARG C 232 5.11 -2.98 -38.41
CA ARG C 232 6.00 -2.94 -39.55
C ARG C 232 6.16 -1.52 -40.09
N GLU C 233 5.05 -0.81 -40.29
CA GLU C 233 5.13 0.54 -40.81
C GLU C 233 5.65 1.51 -39.76
N GLY C 234 5.03 1.54 -38.58
CA GLY C 234 5.45 2.42 -37.51
C GLY C 234 4.55 3.61 -37.27
N MET C 235 3.38 3.67 -37.89
CA MET C 235 2.45 4.77 -37.76
C MET C 235 1.22 4.34 -36.99
N CYS C 236 0.51 5.32 -36.44
CA CYS C 236 -0.72 5.07 -35.69
C CYS C 236 -1.88 4.93 -36.65
N ARG C 237 -2.69 3.89 -36.45
CA ARG C 237 -3.86 3.65 -37.30
C ARG C 237 -5.09 4.39 -36.80
N GLN C 238 -5.52 4.08 -35.57
CA GLN C 238 -6.74 4.65 -35.02
C GLN C 238 -6.52 5.08 -33.59
N THR C 239 -7.39 5.99 -33.13
CA THR C 239 -7.39 6.48 -31.77
C THR C 239 -8.79 6.33 -31.18
N PHE C 240 -8.86 5.88 -29.93
CA PHE C 240 -10.10 5.62 -29.23
C PHE C 240 -10.12 6.46 -27.96
N THR C 241 -11.21 7.21 -27.76
CA THR C 241 -11.29 8.20 -26.69
C THR C 241 -12.59 8.06 -25.92
N GLY C 242 -12.92 6.83 -25.50
CA GLY C 242 -14.14 6.63 -24.74
C GLY C 242 -14.02 6.93 -23.26
N HIS C 243 -12.86 6.65 -22.67
CA HIS C 243 -12.69 6.82 -21.23
C HIS C 243 -12.59 8.31 -20.87
N GLU C 244 -12.57 8.57 -19.56
CA GLU C 244 -12.47 9.94 -19.05
C GLU C 244 -11.40 10.08 -17.97
N SER C 245 -10.51 9.09 -17.84
CA SER C 245 -9.41 9.19 -16.89
C SER C 245 -8.28 8.29 -17.38
N ASP C 246 -7.21 8.21 -16.58
CA ASP C 246 -6.03 7.45 -16.97
C ASP C 246 -6.38 5.99 -17.23
N ILE C 247 -5.83 5.44 -18.30
CA ILE C 247 -6.04 4.04 -18.67
C ILE C 247 -4.89 3.21 -18.11
N ASN C 248 -5.23 2.17 -17.36
CA ASN C 248 -4.24 1.34 -16.68
C ASN C 248 -4.03 -0.01 -17.36
N ALA C 249 -5.06 -0.58 -17.96
CA ALA C 249 -5.01 -1.92 -18.52
C ALA C 249 -5.53 -1.93 -19.94
N ILE C 250 -5.06 -2.90 -20.72
CA ILE C 250 -5.51 -3.08 -22.10
C ILE C 250 -5.24 -4.53 -22.48
N CYS C 251 -6.13 -5.08 -23.31
CA CYS C 251 -6.05 -6.49 -23.70
C CYS C 251 -6.84 -6.69 -24.98
N PHE C 252 -6.29 -7.50 -25.89
CA PHE C 252 -6.95 -7.80 -27.14
C PHE C 252 -7.98 -8.90 -26.99
N PHE C 253 -9.08 -8.78 -27.73
CA PHE C 253 -10.03 -9.86 -27.86
C PHE C 253 -9.37 -11.05 -28.54
N PRO C 254 -9.75 -12.28 -28.19
CA PRO C 254 -9.07 -13.47 -28.74
C PRO C 254 -8.93 -13.51 -30.25
N ASN C 255 -9.82 -12.87 -31.01
CA ASN C 255 -9.71 -12.91 -32.47
C ASN C 255 -9.00 -11.70 -33.05
N GLY C 256 -8.70 -10.68 -32.24
CA GLY C 256 -7.94 -9.54 -32.71
C GLY C 256 -8.73 -8.45 -33.39
N ASN C 257 -10.06 -8.55 -33.42
CA ASN C 257 -10.90 -7.53 -34.03
C ASN C 257 -11.50 -6.58 -33.01
N ALA C 258 -11.10 -6.67 -31.76
CA ALA C 258 -11.59 -5.80 -30.69
C ALA C 258 -10.63 -5.88 -29.53
N PHE C 259 -10.82 -4.99 -28.55
CA PHE C 259 -9.99 -5.00 -27.36
C PHE C 259 -10.77 -4.36 -26.21
N ALA C 260 -10.23 -4.49 -25.00
CA ALA C 260 -10.88 -3.98 -23.80
C ALA C 260 -9.88 -3.23 -22.96
N THR C 261 -10.35 -2.14 -22.34
CA THR C 261 -9.52 -1.26 -21.53
C THR C 261 -10.15 -1.05 -20.18
N GLY C 262 -9.31 -0.71 -19.20
CA GLY C 262 -9.77 -0.31 -17.89
C GLY C 262 -9.06 0.96 -17.46
N SER C 263 -9.78 1.78 -16.69
CA SER C 263 -9.29 3.10 -16.35
C SER C 263 -9.58 3.41 -14.88
N ASP C 264 -9.13 4.59 -14.46
CA ASP C 264 -9.33 5.08 -13.09
C ASP C 264 -10.76 5.56 -12.84
N ASP C 265 -11.56 5.73 -13.88
CA ASP C 265 -12.95 6.13 -13.70
C ASP C 265 -13.85 4.97 -13.29
N ALA C 266 -13.26 3.84 -12.88
CA ALA C 266 -14.00 2.70 -12.35
C ALA C 266 -14.89 2.06 -13.40
N THR C 267 -14.40 1.99 -14.64
CA THR C 267 -15.20 1.50 -15.75
C THR C 267 -14.31 0.79 -16.76
N CYS C 268 -14.72 -0.41 -17.15
CA CYS C 268 -14.09 -1.11 -18.26
C CYS C 268 -14.88 -0.82 -19.54
N ARG C 269 -14.19 -0.87 -20.67
CA ARG C 269 -14.83 -0.59 -21.94
C ARG C 269 -14.32 -1.52 -23.03
N LEU C 270 -15.19 -1.80 -23.99
CA LEU C 270 -14.88 -2.66 -25.12
C LEU C 270 -14.93 -1.84 -26.40
N PHE C 271 -13.81 -1.80 -27.12
CA PHE C 271 -13.72 -1.07 -28.38
C PHE C 271 -13.50 -2.05 -29.52
N ASP C 272 -13.97 -1.66 -30.70
CA ASP C 272 -13.85 -2.46 -31.91
C ASP C 272 -12.89 -1.79 -32.88
N LEU C 273 -12.13 -2.60 -33.63
CA LEU C 273 -11.18 -2.04 -34.58
C LEU C 273 -11.86 -1.61 -35.86
N ARG C 274 -12.77 -2.43 -36.39
CA ARG C 274 -13.40 -2.12 -37.67
C ARG C 274 -14.56 -1.14 -37.53
N ALA C 275 -15.29 -1.19 -36.42
CA ALA C 275 -16.32 -0.19 -36.15
C ALA C 275 -15.71 1.13 -35.66
N ASP C 276 -14.51 1.09 -35.09
CA ASP C 276 -13.75 2.27 -34.69
C ASP C 276 -14.48 3.06 -33.61
N GLN C 277 -15.10 2.36 -32.67
CA GLN C 277 -15.79 2.99 -31.56
C GLN C 277 -15.97 1.95 -30.45
N GLU C 278 -16.51 2.41 -29.32
CA GLU C 278 -16.74 1.53 -28.18
C GLU C 278 -18.11 0.86 -28.29
N LEU C 279 -18.18 -0.39 -27.84
CA LEU C 279 -19.40 -1.18 -27.95
C LEU C 279 -20.07 -1.46 -26.63
N MET C 280 -19.31 -1.63 -25.55
CA MET C 280 -19.89 -2.00 -24.26
C MET C 280 -19.14 -1.31 -23.15
N THR C 281 -19.86 -1.01 -22.06
CA THR C 281 -19.31 -0.35 -20.89
C THR C 281 -19.68 -1.17 -19.65
N TYR C 282 -18.66 -1.66 -18.95
CA TYR C 282 -18.83 -2.47 -17.76
C TYR C 282 -18.55 -1.61 -16.54
N SER C 283 -19.62 -1.24 -15.83
CA SER C 283 -19.53 -0.40 -14.65
C SER C 283 -20.68 -0.75 -13.72
N HIS C 284 -20.50 -0.43 -12.44
CA HIS C 284 -21.53 -0.68 -11.45
C HIS C 284 -21.52 0.46 -10.44
N ASP C 285 -22.63 0.63 -9.73
CA ASP C 285 -22.79 1.81 -8.87
C ASP C 285 -21.86 1.77 -7.67
N ASN C 286 -21.68 0.61 -7.05
CA ASN C 286 -20.83 0.49 -5.87
C ASN C 286 -19.37 0.27 -6.20
N ILE C 287 -19.00 0.36 -7.47
CA ILE C 287 -17.60 0.28 -7.90
C ILE C 287 -17.12 1.71 -8.14
N ILE C 288 -16.23 2.19 -7.26
CA ILE C 288 -15.71 3.54 -7.35
C ILE C 288 -14.19 3.50 -7.33
N CYS C 289 -13.62 2.33 -7.53
CA CYS C 289 -12.17 2.16 -7.60
C CYS C 289 -11.76 1.85 -9.04
N GLY C 290 -10.52 2.21 -9.36
CA GLY C 290 -10.04 1.99 -10.70
C GLY C 290 -9.68 0.54 -10.97
N ILE C 291 -9.55 0.22 -12.26
CA ILE C 291 -9.18 -1.12 -12.72
C ILE C 291 -7.68 -1.15 -12.97
N THR C 292 -7.01 -2.15 -12.41
CA THR C 292 -5.57 -2.29 -12.56
C THR C 292 -5.16 -3.22 -13.69
N SER C 293 -5.98 -4.21 -14.02
CA SER C 293 -5.62 -5.19 -15.04
C SER C 293 -6.90 -5.82 -15.59
N VAL C 294 -6.89 -6.11 -16.89
CA VAL C 294 -8.01 -6.78 -17.54
C VAL C 294 -7.44 -7.92 -18.38
N SER C 295 -8.28 -8.94 -18.61
CA SER C 295 -7.88 -10.06 -19.45
C SER C 295 -9.13 -10.79 -19.93
N PHE C 296 -8.96 -11.51 -21.03
CA PHE C 296 -10.03 -12.28 -21.65
C PHE C 296 -9.77 -13.77 -21.48
N SER C 297 -10.85 -14.54 -21.37
CA SER C 297 -10.71 -15.99 -21.38
C SER C 297 -10.44 -16.49 -22.79
N LYS C 298 -10.30 -17.81 -22.92
CA LYS C 298 -9.93 -18.38 -24.21
C LYS C 298 -11.01 -18.18 -25.26
N SER C 299 -12.27 -18.24 -24.85
CA SER C 299 -13.37 -18.04 -25.80
C SER C 299 -13.66 -16.57 -26.03
N GLY C 300 -13.36 -15.72 -25.06
CA GLY C 300 -13.70 -14.31 -25.13
C GLY C 300 -15.03 -13.95 -24.52
N ARG C 301 -15.73 -14.90 -23.91
CA ARG C 301 -17.03 -14.62 -23.32
C ARG C 301 -16.90 -13.96 -21.95
N LEU C 302 -15.86 -14.31 -21.19
CA LEU C 302 -15.66 -13.74 -19.87
C LEU C 302 -14.54 -12.70 -19.92
N LEU C 303 -14.70 -11.64 -19.14
CA LEU C 303 -13.71 -10.57 -19.02
C LEU C 303 -13.36 -10.42 -17.55
N LEU C 304 -12.13 -10.75 -17.18
CA LEU C 304 -11.70 -10.64 -15.80
C LEU C 304 -11.00 -9.29 -15.59
N ALA C 305 -11.31 -8.64 -14.48
CA ALA C 305 -10.77 -7.31 -14.19
C ALA C 305 -10.42 -7.21 -12.72
N GLY C 306 -9.17 -6.88 -12.44
CA GLY C 306 -8.74 -6.62 -11.08
C GLY C 306 -8.94 -5.17 -10.69
N TYR C 307 -9.17 -4.94 -9.40
CA TYR C 307 -9.57 -3.63 -8.91
C TYR C 307 -8.71 -3.22 -7.73
N ASP C 308 -8.88 -1.96 -7.31
CA ASP C 308 -8.17 -1.43 -6.14
C ASP C 308 -8.79 -1.89 -4.83
N ASP C 309 -10.06 -2.31 -4.84
CA ASP C 309 -10.73 -2.73 -3.62
C ASP C 309 -10.44 -4.16 -3.24
N PHE C 310 -9.32 -4.70 -3.72
CA PHE C 310 -8.70 -5.97 -3.36
C PHE C 310 -9.37 -7.15 -4.05
N ASN C 311 -10.34 -6.93 -4.92
CA ASN C 311 -11.11 -8.01 -5.54
C ASN C 311 -10.90 -8.04 -7.04
N CYS C 312 -11.40 -9.11 -7.64
CA CYS C 312 -11.45 -9.26 -9.09
C CYS C 312 -12.88 -9.58 -9.49
N ASN C 313 -13.33 -9.00 -10.59
CA ASN C 313 -14.69 -9.19 -11.08
C ASN C 313 -14.66 -9.87 -12.44
N VAL C 314 -15.60 -10.79 -12.65
CA VAL C 314 -15.79 -11.49 -13.91
C VAL C 314 -17.04 -10.94 -14.58
N TRP C 315 -16.89 -10.45 -15.80
CA TRP C 315 -17.98 -9.81 -16.53
C TRP C 315 -18.35 -10.67 -17.74
N ASP C 316 -19.65 -10.71 -18.03
CA ASP C 316 -20.14 -11.28 -19.28
C ASP C 316 -19.85 -10.28 -20.39
N ALA C 317 -18.85 -10.59 -21.21
CA ALA C 317 -18.39 -9.63 -22.22
C ALA C 317 -19.51 -9.26 -23.20
N LEU C 318 -20.47 -10.16 -23.41
CA LEU C 318 -21.55 -9.87 -24.34
C LEU C 318 -22.78 -9.29 -23.67
N LYS C 319 -23.10 -9.75 -22.46
CA LYS C 319 -24.30 -9.29 -21.76
C LYS C 319 -24.03 -8.12 -20.81
N ALA C 320 -22.77 -7.81 -20.53
CA ALA C 320 -22.34 -6.71 -19.67
C ALA C 320 -22.77 -6.86 -18.22
N ASP C 321 -23.24 -8.03 -17.81
CA ASP C 321 -23.58 -8.30 -16.42
C ASP C 321 -22.46 -9.07 -15.76
N ARG C 322 -22.14 -8.71 -14.52
CA ARG C 322 -21.08 -9.38 -13.79
C ARG C 322 -21.59 -10.70 -13.21
N ALA C 323 -20.80 -11.76 -13.38
CA ALA C 323 -21.21 -13.11 -13.03
C ALA C 323 -20.11 -13.83 -12.27
N GLY C 324 -19.55 -13.18 -11.26
CA GLY C 324 -18.57 -13.82 -10.41
C GLY C 324 -17.63 -12.83 -9.78
N VAL C 325 -17.03 -13.24 -8.66
CA VAL C 325 -16.07 -12.44 -7.92
C VAL C 325 -14.91 -13.33 -7.54
N LEU C 326 -13.72 -12.75 -7.44
CA LEU C 326 -12.52 -13.42 -6.98
C LEU C 326 -11.97 -12.64 -5.79
N ALA C 327 -12.16 -13.16 -4.59
CA ALA C 327 -11.80 -12.46 -3.35
C ALA C 327 -10.91 -13.36 -2.51
N GLY C 328 -9.59 -13.25 -2.71
CA GLY C 328 -8.65 -13.98 -1.89
C GLY C 328 -7.45 -13.17 -1.48
N HIS C 329 -7.34 -11.95 -2.01
CA HIS C 329 -6.18 -11.10 -1.76
C HIS C 329 -6.50 -10.09 -0.68
N ASP C 330 -5.47 -9.71 0.08
CA ASP C 330 -5.61 -8.78 1.18
C ASP C 330 -5.21 -7.35 0.82
N ASN C 331 -4.48 -7.18 -0.27
CA ASN C 331 -4.08 -5.86 -0.75
C ASN C 331 -4.50 -5.71 -2.21
N ARG C 332 -4.18 -4.57 -2.79
CA ARG C 332 -4.64 -4.23 -4.13
C ARG C 332 -4.15 -5.24 -5.16
N VAL C 333 -5.06 -5.69 -6.01
CA VAL C 333 -4.73 -6.66 -7.05
C VAL C 333 -3.97 -5.91 -8.15
N SER C 334 -2.69 -6.25 -8.32
CA SER C 334 -1.83 -5.51 -9.22
C SER C 334 -1.75 -6.10 -10.62
N CYS C 335 -1.82 -7.43 -10.74
CA CYS C 335 -1.66 -8.07 -12.03
C CYS C 335 -2.57 -9.28 -12.12
N LEU C 336 -2.89 -9.67 -13.35
CA LEU C 336 -3.87 -10.72 -13.60
C LEU C 336 -3.70 -11.27 -15.02
N GLY C 337 -3.66 -12.58 -15.16
CA GLY C 337 -3.43 -13.19 -16.45
C GLY C 337 -4.04 -14.57 -16.63
N VAL C 338 -4.70 -14.79 -17.77
CA VAL C 338 -5.29 -16.08 -18.09
C VAL C 338 -4.29 -16.88 -18.92
N THR C 339 -4.26 -18.18 -18.69
CA THR C 339 -3.29 -19.05 -19.35
C THR C 339 -3.66 -19.24 -20.81
N ASP C 340 -2.64 -19.52 -21.63
CA ASP C 340 -2.85 -19.59 -23.07
C ASP C 340 -3.82 -20.69 -23.48
N ASP C 341 -3.90 -21.76 -22.70
CA ASP C 341 -4.90 -22.79 -22.94
C ASP C 341 -6.19 -22.56 -22.18
N GLY C 342 -6.30 -21.44 -21.47
CA GLY C 342 -7.53 -21.10 -20.77
C GLY C 342 -7.83 -21.96 -19.57
N MET C 343 -6.81 -22.52 -18.94
CA MET C 343 -7.02 -23.47 -17.85
C MET C 343 -6.93 -22.84 -16.47
N ALA C 344 -6.27 -21.70 -16.31
CA ALA C 344 -6.13 -21.10 -15.00
C ALA C 344 -5.98 -19.59 -15.13
N VAL C 345 -6.29 -18.88 -14.05
CA VAL C 345 -6.13 -17.43 -13.96
C VAL C 345 -5.20 -17.14 -12.79
N ALA C 346 -4.04 -16.57 -13.09
CA ALA C 346 -3.11 -16.17 -12.05
C ALA C 346 -3.36 -14.71 -11.69
N THR C 347 -3.41 -14.42 -10.40
CA THR C 347 -3.54 -13.05 -9.91
C THR C 347 -2.44 -12.76 -8.91
N GLY C 348 -1.82 -11.59 -9.05
CA GLY C 348 -0.82 -11.12 -8.13
C GLY C 348 -1.24 -9.80 -7.52
N SER C 349 -0.96 -9.63 -6.23
CA SER C 349 -1.42 -8.48 -5.48
C SER C 349 -0.25 -7.86 -4.72
N TRP C 350 -0.53 -6.71 -4.10
CA TRP C 350 0.47 -6.02 -3.30
C TRP C 350 0.73 -6.68 -1.96
N ASP C 351 -0.05 -7.69 -1.59
CA ASP C 351 0.20 -8.47 -0.39
C ASP C 351 1.25 -9.55 -0.59
N SER C 352 1.91 -9.56 -1.74
CA SER C 352 3.08 -10.40 -2.03
C SER C 352 2.74 -11.86 -2.26
N PHE C 353 1.51 -12.16 -2.70
CA PHE C 353 1.11 -13.54 -2.95
C PHE C 353 0.50 -13.67 -4.33
N LEU C 354 0.94 -14.70 -5.05
CA LEU C 354 0.34 -15.11 -6.32
C LEU C 354 -0.63 -16.25 -6.09
N LYS C 355 -1.83 -16.12 -6.63
CA LYS C 355 -2.83 -17.16 -6.55
C LYS C 355 -3.21 -17.64 -7.93
N ILE C 356 -3.57 -18.92 -8.02
CA ILE C 356 -4.09 -19.51 -9.25
C ILE C 356 -5.54 -19.91 -8.99
N TRP C 357 -6.43 -19.50 -9.88
CA TRP C 357 -7.85 -19.80 -9.79
C TRP C 357 -8.26 -20.65 -10.97
N ASN C 358 -9.20 -21.56 -10.73
CA ASN C 358 -9.66 -22.49 -11.75
C ASN C 358 -11.13 -22.83 -11.55
N ASN D 5 5.31 31.10 -30.19
CA ASN D 5 4.55 29.90 -30.53
C ASN D 5 5.10 29.25 -31.80
N THR D 6 6.44 29.17 -31.89
CA THR D 6 7.08 28.55 -33.02
C THR D 6 7.26 27.05 -32.85
N ALA D 7 7.26 26.55 -31.62
CA ALA D 7 7.26 25.11 -31.38
C ALA D 7 5.84 24.54 -31.36
N SER D 8 4.84 25.39 -31.23
CA SER D 8 3.44 24.95 -31.21
C SER D 8 2.86 24.75 -32.60
N ILE D 9 3.33 25.52 -33.59
CA ILE D 9 2.75 25.43 -34.93
C ILE D 9 3.04 24.07 -35.55
N ALA D 10 4.25 23.54 -35.34
CA ALA D 10 4.58 22.24 -35.91
C ALA D 10 3.82 21.13 -35.21
N GLN D 11 3.64 21.23 -33.88
CA GLN D 11 2.84 20.25 -33.18
C GLN D 11 1.39 20.27 -33.64
N ALA D 12 0.85 21.47 -33.89
CA ALA D 12 -0.51 21.58 -34.39
C ALA D 12 -0.64 21.03 -35.80
N ARG D 13 0.36 21.28 -36.65
CA ARG D 13 0.36 20.69 -37.99
C ARG D 13 0.39 19.17 -37.92
N LYS D 14 1.23 18.62 -37.05
CA LYS D 14 1.28 17.17 -36.89
C LYS D 14 -0.04 16.62 -36.39
N LEU D 15 -0.68 17.31 -35.44
CA LEU D 15 -1.95 16.84 -34.90
C LEU D 15 -3.03 16.85 -35.98
N VAL D 16 -3.13 17.94 -36.75
CA VAL D 16 -4.15 18.01 -37.78
C VAL D 16 -3.85 17.02 -38.91
N GLU D 17 -2.56 16.76 -39.17
CA GLU D 17 -2.20 15.77 -40.17
C GLU D 17 -2.64 14.38 -39.74
N GLN D 18 -2.37 14.01 -38.49
CA GLN D 18 -2.82 12.72 -37.98
C GLN D 18 -4.35 12.63 -37.99
N LEU D 19 -5.03 13.72 -37.65
CA LEU D 19 -6.49 13.72 -37.64
C LEU D 19 -7.05 13.47 -39.04
N LYS D 20 -6.56 14.20 -40.03
CA LYS D 20 -7.07 14.00 -41.39
C LYS D 20 -6.55 12.74 -42.04
N MET D 21 -5.50 12.12 -41.50
CA MET D 21 -5.08 10.83 -42.02
C MET D 21 -5.87 9.68 -41.43
N GLU D 22 -6.31 9.82 -40.18
CA GLU D 22 -7.14 8.79 -39.53
C GLU D 22 -8.63 9.05 -39.72
N ALA D 23 -9.01 10.16 -40.35
CA ALA D 23 -10.41 10.40 -40.66
C ALA D 23 -10.85 9.65 -41.91
N ASN D 24 -9.93 9.40 -42.84
CA ASN D 24 -10.25 8.72 -44.09
C ASN D 24 -9.90 7.25 -43.97
N ILE D 25 -10.76 6.51 -43.26
CA ILE D 25 -10.60 5.07 -43.09
C ILE D 25 -11.97 4.41 -43.27
N ASP D 26 -11.96 3.09 -43.34
CA ASP D 26 -13.17 2.30 -43.51
C ASP D 26 -13.80 1.99 -42.16
N ARG D 27 -15.13 2.02 -42.12
CA ARG D 27 -15.87 1.75 -40.89
C ARG D 27 -17.09 0.89 -41.22
N ILE D 28 -17.09 -0.35 -40.77
CA ILE D 28 -18.25 -1.22 -40.89
C ILE D 28 -19.27 -0.80 -39.83
N LYS D 29 -20.50 -1.27 -39.96
CA LYS D 29 -21.53 -0.92 -39.00
C LYS D 29 -21.44 -1.77 -37.74
N VAL D 30 -21.90 -1.19 -36.62
CA VAL D 30 -21.76 -1.84 -35.33
C VAL D 30 -22.50 -3.17 -35.30
N SER D 31 -23.58 -3.30 -36.08
CA SER D 31 -24.35 -4.53 -36.11
C SER D 31 -23.47 -5.71 -36.54
N LYS D 32 -22.72 -5.54 -37.63
CA LYS D 32 -21.93 -6.65 -38.15
C LYS D 32 -20.74 -6.97 -37.26
N ALA D 33 -20.12 -5.95 -36.68
CA ALA D 33 -19.01 -6.21 -35.75
C ALA D 33 -19.48 -6.96 -34.52
N ALA D 34 -20.61 -6.52 -33.95
CA ALA D 34 -21.17 -7.23 -32.81
C ALA D 34 -21.60 -8.64 -33.17
N ALA D 35 -22.11 -8.84 -34.39
CA ALA D 35 -22.47 -10.18 -34.84
C ALA D 35 -21.24 -11.07 -34.98
N ASP D 36 -20.14 -10.51 -35.46
CA ASP D 36 -18.90 -11.28 -35.56
C ASP D 36 -18.39 -11.67 -34.18
N LEU D 37 -18.43 -10.74 -33.22
CA LEU D 37 -18.00 -11.08 -31.87
C LEU D 37 -18.90 -12.13 -31.24
N MET D 38 -20.21 -12.03 -31.47
CA MET D 38 -21.13 -13.03 -30.93
C MET D 38 -20.89 -14.40 -31.56
N ALA D 39 -20.63 -14.43 -32.88
CA ALA D 39 -20.35 -15.70 -33.54
C ALA D 39 -19.06 -16.31 -33.03
N TYR D 40 -18.04 -15.49 -32.77
CA TYR D 40 -16.80 -16.03 -32.22
C TYR D 40 -17.00 -16.57 -30.81
N CYS D 41 -17.75 -15.84 -29.98
CA CYS D 41 -18.00 -16.33 -28.62
C CYS D 41 -18.90 -17.56 -28.62
N GLU D 42 -19.71 -17.76 -29.66
CA GLU D 42 -20.53 -18.96 -29.75
C GLU D 42 -19.79 -20.15 -30.34
N ALA D 43 -18.80 -19.92 -31.20
CA ALA D 43 -18.09 -21.03 -31.82
C ALA D 43 -17.13 -21.70 -30.85
N HIS D 44 -16.58 -20.95 -29.89
CA HIS D 44 -15.61 -21.47 -28.93
C HIS D 44 -16.20 -21.60 -27.54
N ALA D 45 -17.53 -21.74 -27.44
CA ALA D 45 -18.17 -21.82 -26.14
C ALA D 45 -17.83 -23.08 -25.38
N LYS D 46 -17.46 -24.16 -26.08
CA LYS D 46 -17.10 -25.41 -25.42
C LYS D 46 -15.60 -25.54 -25.19
N GLU D 47 -14.79 -24.71 -25.82
CA GLU D 47 -13.34 -24.75 -25.68
C GLU D 47 -12.82 -23.83 -24.59
N ASP D 48 -13.67 -23.42 -23.65
CA ASP D 48 -13.28 -22.51 -22.58
C ASP D 48 -13.39 -23.23 -21.24
N PRO D 49 -12.29 -23.67 -20.64
CA PRO D 49 -12.37 -24.36 -19.35
C PRO D 49 -12.86 -23.48 -18.21
N LEU D 50 -12.78 -22.15 -18.34
CA LEU D 50 -13.30 -21.28 -17.29
C LEU D 50 -14.79 -21.04 -17.47
N LEU D 51 -15.27 -20.97 -18.70
CA LEU D 51 -16.69 -20.77 -18.94
C LEU D 51 -17.52 -21.98 -18.51
N THR D 52 -16.96 -23.17 -18.68
CA THR D 52 -17.58 -24.41 -18.21
C THR D 52 -16.55 -25.23 -17.44
N PRO D 53 -16.75 -25.45 -16.14
CA PRO D 53 -15.72 -26.12 -15.34
C PRO D 53 -15.45 -27.54 -15.82
N VAL D 54 -14.18 -27.86 -15.95
CA VAL D 54 -13.73 -29.20 -16.33
C VAL D 54 -13.73 -30.10 -15.10
N PRO D 55 -14.04 -31.38 -15.24
CA PRO D 55 -13.98 -32.29 -14.09
C PRO D 55 -12.57 -32.37 -13.52
N ALA D 56 -12.50 -32.86 -12.27
CA ALA D 56 -11.24 -32.94 -11.55
C ALA D 56 -10.24 -33.93 -12.15
N SER D 57 -10.64 -34.69 -13.18
CA SER D 57 -9.71 -35.66 -13.75
C SER D 57 -8.83 -35.05 -14.83
N GLU D 58 -9.33 -34.06 -15.57
CA GLU D 58 -8.55 -33.35 -16.57
C GLU D 58 -8.00 -32.02 -16.06
N ASN D 59 -8.40 -31.58 -14.88
CA ASN D 59 -7.93 -30.33 -14.30
C ASN D 59 -6.55 -30.53 -13.69
N PRO D 60 -5.50 -29.92 -14.27
CA PRO D 60 -4.15 -30.13 -13.72
C PRO D 60 -3.90 -29.43 -12.40
N PHE D 61 -4.74 -28.46 -12.04
CA PHE D 61 -4.60 -27.74 -10.77
C PHE D 61 -5.51 -28.31 -9.69
N ARG D 62 -5.81 -29.60 -9.75
CA ARG D 62 -6.66 -30.23 -8.75
C ARG D 62 -5.87 -30.61 -7.51
N GLN E 1 -14.23 12.20 -25.57
CA GLN E 1 -13.10 13.07 -25.27
C GLN E 1 -13.40 13.96 -24.06
N VAL E 2 -12.39 14.18 -23.23
CA VAL E 2 -12.48 15.10 -22.11
C VAL E 2 -12.12 16.49 -22.64
N GLN E 3 -13.10 17.38 -22.71
CA GLN E 3 -12.92 18.71 -23.26
C GLN E 3 -13.27 19.76 -22.22
N LEU E 4 -12.42 20.77 -22.09
CA LEU E 4 -12.65 21.90 -21.19
C LEU E 4 -12.41 23.18 -21.98
N GLN E 5 -13.47 23.96 -22.16
CA GLN E 5 -13.42 25.16 -22.99
C GLN E 5 -13.64 26.39 -22.10
N GLU E 6 -12.66 27.29 -22.10
CA GLU E 6 -12.72 28.50 -21.30
C GLU E 6 -13.23 29.67 -22.13
N SER E 7 -13.84 30.64 -21.45
CA SER E 7 -14.37 31.82 -22.11
C SER E 7 -14.42 32.95 -21.09
N GLY E 8 -14.52 34.18 -21.60
CA GLY E 8 -14.67 35.35 -20.77
C GLY E 8 -13.44 36.24 -20.67
N GLY E 9 -12.32 35.83 -21.24
CA GLY E 9 -11.12 36.63 -21.16
C GLY E 9 -11.22 37.92 -21.95
N GLY E 10 -10.25 38.79 -21.70
CA GLY E 10 -10.21 40.08 -22.38
C GLY E 10 -9.31 41.05 -21.64
N LEU E 11 -9.20 42.24 -22.21
CA LEU E 11 -8.37 43.30 -21.66
C LEU E 11 -9.22 44.18 -20.73
N VAL E 12 -8.70 44.46 -19.54
CA VAL E 12 -9.42 45.22 -18.53
C VAL E 12 -8.45 46.19 -17.87
N GLN E 13 -8.90 47.44 -17.70
CA GLN E 13 -8.09 48.43 -17.00
C GLN E 13 -7.91 48.03 -15.54
N PRO E 14 -6.78 48.40 -14.93
CA PRO E 14 -6.51 47.99 -13.54
C PRO E 14 -7.61 48.43 -12.60
N GLY E 15 -8.07 47.50 -11.77
CA GLY E 15 -9.18 47.72 -10.87
C GLY E 15 -10.51 47.17 -11.36
N GLY E 16 -10.61 46.82 -12.63
CA GLY E 16 -11.83 46.29 -13.18
C GLY E 16 -12.16 44.90 -12.67
N SER E 17 -13.22 44.33 -13.24
CA SER E 17 -13.71 43.02 -12.84
C SER E 17 -13.94 42.16 -14.07
N LEU E 18 -13.71 40.86 -13.92
CA LEU E 18 -13.93 39.89 -14.98
C LEU E 18 -14.59 38.65 -14.40
N ARG E 19 -15.08 37.80 -15.29
CA ARG E 19 -15.69 36.53 -14.87
C ARG E 19 -15.39 35.50 -15.95
N LEU E 20 -14.50 34.55 -15.63
CA LEU E 20 -14.15 33.49 -16.55
C LEU E 20 -15.05 32.29 -16.34
N SER E 21 -15.44 31.65 -17.43
CA SER E 21 -16.28 30.47 -17.42
C SER E 21 -15.55 29.31 -18.08
N CYS E 22 -15.93 28.10 -17.68
CA CYS E 22 -15.27 26.87 -18.12
C CYS E 22 -16.36 25.82 -18.31
N ALA E 23 -16.62 25.47 -19.57
CA ALA E 23 -17.61 24.45 -19.91
C ALA E 23 -16.89 23.11 -20.10
N ALA E 24 -17.44 22.07 -19.48
CA ALA E 24 -16.84 20.75 -19.47
C ALA E 24 -17.69 19.77 -20.26
N SER E 25 -17.01 18.82 -20.90
CA SER E 25 -17.69 17.80 -21.69
C SER E 25 -16.88 16.52 -21.65
N GLY E 26 -17.59 15.39 -21.69
CA GLY E 26 -16.96 14.09 -21.77
C GLY E 26 -16.71 13.40 -20.45
N PHE E 27 -17.16 13.97 -19.33
CA PHE E 27 -17.00 13.31 -18.04
C PHE E 27 -18.09 13.82 -17.10
N THR E 28 -18.29 13.08 -16.02
CA THR E 28 -19.24 13.46 -14.98
C THR E 28 -18.63 14.59 -14.16
N PHE E 29 -19.08 15.82 -14.44
CA PHE E 29 -18.50 17.00 -13.80
C PHE E 29 -18.57 16.95 -12.29
N SER E 30 -19.61 16.32 -11.73
CA SER E 30 -19.87 16.37 -10.31
C SER E 30 -19.04 15.37 -9.50
N ASN E 31 -18.16 14.61 -10.14
CA ASN E 31 -17.32 13.65 -9.44
C ASN E 31 -15.88 14.12 -9.30
N TYR E 32 -15.52 15.26 -9.89
CA TYR E 32 -14.15 15.71 -9.93
C TYR E 32 -14.00 17.06 -9.24
N LYS E 33 -12.82 17.27 -8.66
CA LYS E 33 -12.45 18.54 -8.06
C LYS E 33 -11.78 19.41 -9.11
N MET E 34 -12.25 20.64 -9.27
CA MET E 34 -11.84 21.49 -10.36
C MET E 34 -10.88 22.57 -9.88
N ASN E 35 -10.04 23.04 -10.80
CA ASN E 35 -8.96 23.96 -10.46
C ASN E 35 -8.87 25.06 -11.51
N TRP E 36 -8.45 26.24 -11.08
CA TRP E 36 -8.02 27.31 -11.95
C TRP E 36 -6.53 27.53 -11.76
N VAL E 37 -5.77 27.45 -12.84
CA VAL E 37 -4.34 27.72 -12.83
C VAL E 37 -4.06 28.82 -13.84
N ARG E 38 -2.84 29.35 -13.82
CA ARG E 38 -2.49 30.42 -14.74
C ARG E 38 -1.01 30.37 -15.05
N GLN E 39 -0.66 30.98 -16.18
CA GLN E 39 0.73 31.13 -16.61
C GLN E 39 0.98 32.58 -16.95
N ALA E 40 1.91 33.21 -16.23
CA ALA E 40 2.32 34.58 -16.51
C ALA E 40 3.32 34.61 -17.64
N PRO E 41 3.36 35.70 -18.41
CA PRO E 41 4.31 35.78 -19.54
C PRO E 41 5.75 35.64 -19.06
N GLY E 42 6.40 34.58 -19.51
CA GLY E 42 7.79 34.32 -19.15
C GLY E 42 7.99 33.51 -17.89
N LYS E 43 6.93 32.96 -17.31
CA LYS E 43 7.00 32.14 -16.11
C LYS E 43 6.38 30.77 -16.38
N GLY E 44 6.29 29.97 -15.32
CA GLY E 44 5.67 28.66 -15.40
C GLY E 44 4.25 28.67 -14.87
N LEU E 45 3.59 27.54 -15.03
CA LEU E 45 2.22 27.39 -14.55
C LEU E 45 2.19 27.39 -13.03
N GLU E 46 1.23 28.12 -12.47
CA GLU E 46 1.04 28.18 -11.03
C GLU E 46 -0.43 27.99 -10.69
N TRP E 47 -0.67 27.41 -9.52
CA TRP E 47 -2.02 27.10 -9.09
C TRP E 47 -2.66 28.33 -8.47
N VAL E 48 -3.88 28.65 -8.90
CA VAL E 48 -4.59 29.85 -8.48
C VAL E 48 -5.69 29.51 -7.46
N SER E 49 -6.57 28.58 -7.81
CA SER E 49 -7.70 28.30 -6.93
C SER E 49 -8.22 26.90 -7.23
N ASP E 50 -8.98 26.36 -6.28
CA ASP E 50 -9.60 25.06 -6.49
C ASP E 50 -10.86 24.92 -5.65
N ILE E 51 -11.76 24.06 -6.14
CA ILE E 51 -13.05 23.81 -5.51
C ILE E 51 -13.36 22.32 -5.63
N SER E 52 -13.98 21.77 -4.59
CA SER E 52 -14.20 20.33 -4.50
C SER E 52 -15.46 19.92 -5.27
N GLN E 53 -15.91 18.68 -5.05
CA GLN E 53 -17.01 18.14 -5.84
C GLN E 53 -18.32 18.88 -5.58
N SER E 54 -18.62 19.16 -4.32
CA SER E 54 -19.86 19.84 -3.97
C SER E 54 -19.74 21.35 -4.06
N GLY E 55 -18.66 21.91 -3.51
CA GLY E 55 -18.50 23.35 -3.48
C GLY E 55 -18.28 23.87 -2.08
N ALA E 56 -18.21 22.94 -1.11
CA ALA E 56 -18.02 23.33 0.28
C ALA E 56 -16.55 23.63 0.58
N SER E 57 -15.64 22.81 0.07
CA SER E 57 -14.21 23.02 0.27
C SER E 57 -13.67 23.87 -0.87
N ILE E 58 -13.15 25.05 -0.54
CA ILE E 58 -12.63 26.00 -1.51
C ILE E 58 -11.28 26.49 -1.01
N SER E 59 -10.34 26.67 -1.94
CA SER E 59 -9.03 27.18 -1.56
C SER E 59 -8.51 28.13 -2.63
N TYR E 60 -7.80 29.16 -2.18
CA TYR E 60 -7.17 30.15 -3.05
C TYR E 60 -5.69 30.26 -2.69
N THR E 61 -4.94 30.90 -3.57
CA THR E 61 -3.55 31.21 -3.26
C THR E 61 -3.47 32.56 -2.55
N GLY E 62 -2.30 32.84 -1.98
CA GLY E 62 -2.14 34.05 -1.20
C GLY E 62 -2.32 35.32 -2.00
N SER E 63 -1.99 35.29 -3.29
CA SER E 63 -2.04 36.50 -4.09
C SER E 63 -3.46 36.92 -4.42
N VAL E 64 -4.38 35.96 -4.56
CA VAL E 64 -5.74 36.25 -4.98
C VAL E 64 -6.75 36.11 -3.85
N LYS E 65 -6.35 35.58 -2.69
CA LYS E 65 -7.27 35.42 -1.58
C LYS E 65 -7.83 36.77 -1.14
N GLY E 66 -9.15 36.91 -1.21
CA GLY E 66 -9.82 38.15 -0.89
C GLY E 66 -10.41 38.85 -2.10
N ARG E 67 -9.82 38.66 -3.27
CA ARG E 67 -10.28 39.30 -4.50
C ARG E 67 -11.08 38.35 -5.38
N PHE E 68 -10.55 37.16 -5.66
CA PHE E 68 -11.21 36.22 -6.55
C PHE E 68 -12.20 35.36 -5.79
N THR E 69 -13.16 34.79 -6.53
CA THR E 69 -14.10 33.84 -5.96
C THR E 69 -14.47 32.80 -7.00
N ILE E 70 -14.32 31.54 -6.66
CA ILE E 70 -14.56 30.42 -7.57
C ILE E 70 -15.87 29.75 -7.20
N SER E 71 -16.57 29.25 -8.20
CA SER E 71 -17.83 28.54 -7.99
C SER E 71 -18.01 27.49 -9.09
N ARG E 72 -18.91 26.56 -8.84
CA ARG E 72 -19.24 25.56 -9.85
C ARG E 72 -20.74 25.31 -9.84
N ASP E 73 -21.32 25.23 -11.04
CA ASP E 73 -22.71 24.86 -11.21
C ASP E 73 -22.74 23.46 -11.82
N ASN E 74 -23.17 22.49 -11.01
CA ASN E 74 -23.22 21.10 -11.46
C ASN E 74 -24.38 20.83 -12.40
N ALA E 75 -25.38 21.71 -12.41
CA ALA E 75 -26.56 21.47 -13.24
C ALA E 75 -26.23 21.61 -14.72
N LYS E 76 -25.30 22.50 -15.08
CA LYS E 76 -24.89 22.66 -16.47
C LYS E 76 -23.40 22.39 -16.65
N ASN E 77 -22.76 21.75 -15.67
CA ASN E 77 -21.36 21.35 -15.74
C ASN E 77 -20.46 22.53 -16.11
N THR E 78 -20.49 23.55 -15.26
CA THR E 78 -19.77 24.78 -15.56
C THR E 78 -18.99 25.24 -14.34
N LEU E 79 -17.80 25.79 -14.58
CA LEU E 79 -16.96 26.36 -13.53
C LEU E 79 -16.81 27.86 -13.78
N TYR E 80 -16.85 28.65 -12.70
CA TYR E 80 -16.73 30.09 -12.81
C TYR E 80 -15.63 30.59 -11.88
N LEU E 81 -14.92 31.62 -12.35
CA LEU E 81 -13.96 32.35 -11.53
C LEU E 81 -14.23 33.83 -11.71
N GLN E 82 -14.81 34.46 -10.69
CA GLN E 82 -15.05 35.90 -10.70
C GLN E 82 -13.83 36.61 -10.12
N MET E 83 -13.19 37.43 -10.94
CA MET E 83 -11.97 38.14 -10.56
C MET E 83 -12.33 39.60 -10.32
N ASN E 84 -12.07 40.09 -9.11
CA ASN E 84 -12.39 41.46 -8.72
C ASN E 84 -11.11 42.21 -8.34
N SER E 85 -11.12 43.51 -8.60
CA SER E 85 -10.02 44.40 -8.25
C SER E 85 -8.71 43.92 -8.87
N LEU E 86 -8.75 43.67 -10.18
CA LEU E 86 -7.57 43.20 -10.89
C LEU E 86 -6.47 44.25 -10.86
N LYS E 87 -5.24 43.78 -11.00
CA LYS E 87 -4.04 44.61 -10.97
C LYS E 87 -3.13 44.18 -12.11
N PRO E 88 -2.18 45.04 -12.51
CA PRO E 88 -1.30 44.68 -13.63
C PRO E 88 -0.58 43.36 -13.47
N GLU E 89 -0.33 42.92 -12.23
CA GLU E 89 0.35 41.65 -11.99
C GLU E 89 -0.57 40.44 -12.12
N ASP E 90 -1.79 40.64 -12.60
CA ASP E 90 -2.73 39.53 -12.82
C ASP E 90 -2.83 39.13 -14.29
N THR E 91 -2.12 39.82 -15.18
CA THR E 91 -2.14 39.47 -16.59
C THR E 91 -1.48 38.11 -16.79
N ALA E 92 -2.23 37.18 -17.39
CA ALA E 92 -1.75 35.82 -17.56
C ALA E 92 -2.73 35.06 -18.43
N VAL E 93 -2.32 33.86 -18.85
CA VAL E 93 -3.21 32.93 -19.52
C VAL E 93 -3.80 32.00 -18.47
N TYR E 94 -5.13 31.95 -18.39
CA TYR E 94 -5.82 31.20 -17.35
C TYR E 94 -6.34 29.88 -17.93
N TYR E 95 -6.08 28.79 -17.21
CA TYR E 95 -6.48 27.45 -17.61
C TYR E 95 -7.41 26.85 -16.56
N CYS E 96 -8.34 26.02 -17.04
CA CYS E 96 -9.31 25.31 -16.22
C CYS E 96 -8.91 23.84 -16.20
N ALA E 97 -8.38 23.38 -15.07
CA ALA E 97 -7.85 22.04 -14.95
C ALA E 97 -8.81 21.14 -14.17
N ARG E 98 -8.78 19.86 -14.52
CA ARG E 98 -9.57 18.84 -13.83
C ARG E 98 -8.63 17.92 -13.06
N CYS E 99 -9.05 17.51 -11.87
CA CYS E 99 -8.26 16.62 -11.06
C CYS E 99 -8.20 15.26 -11.75
N PRO E 100 -7.05 14.56 -11.68
CA PRO E 100 -6.87 13.40 -12.58
C PRO E 100 -7.80 12.23 -12.30
N ALA E 101 -8.25 12.03 -11.07
CA ALA E 101 -9.07 10.87 -10.76
C ALA E 101 -10.34 11.30 -10.04
N PRO E 102 -11.43 10.55 -10.20
CA PRO E 102 -12.67 10.89 -9.51
C PRO E 102 -12.66 10.46 -8.05
N PHE E 103 -13.44 11.18 -7.25
CA PHE E 103 -13.70 10.92 -5.84
C PHE E 103 -12.47 11.11 -4.95
N THR E 104 -11.31 11.44 -5.52
CA THR E 104 -10.12 11.59 -4.71
C THR E 104 -10.10 12.98 -4.06
N ARG E 105 -9.16 13.15 -3.13
CA ARG E 105 -9.01 14.40 -2.40
C ARG E 105 -7.66 15.06 -2.69
N ASP E 106 -6.91 14.58 -3.67
CA ASP E 106 -5.58 15.09 -3.99
C ASP E 106 -5.41 15.11 -5.51
N CYS E 107 -4.84 16.20 -6.01
CA CYS E 107 -4.62 16.41 -7.44
C CYS E 107 -3.14 16.67 -7.66
N PHE E 108 -2.48 15.74 -8.37
CA PHE E 108 -1.02 15.78 -8.44
C PHE E 108 -0.50 16.77 -9.46
N ASP E 109 -0.86 16.61 -10.73
CA ASP E 109 -0.04 17.12 -11.83
C ASP E 109 -0.78 18.17 -12.63
N VAL E 110 -1.54 19.04 -11.97
CA VAL E 110 -2.37 20.00 -12.70
C VAL E 110 -1.54 21.12 -13.30
N THR E 111 -0.26 21.23 -12.92
CA THR E 111 0.62 22.31 -13.37
C THR E 111 1.91 21.73 -13.96
N SER E 112 1.77 20.75 -14.85
CA SER E 112 2.91 20.00 -15.37
C SER E 112 3.30 20.40 -16.78
N THR E 113 2.68 21.42 -17.37
CA THR E 113 3.04 21.95 -18.69
C THR E 113 2.72 20.96 -19.80
N THR E 114 2.31 19.75 -19.44
CA THR E 114 1.87 18.73 -20.39
C THR E 114 0.63 18.00 -19.89
N TYR E 115 -0.03 18.54 -18.86
CA TYR E 115 -1.21 17.89 -18.29
C TYR E 115 -2.31 17.76 -19.33
N ALA E 116 -2.94 16.59 -19.38
CA ALA E 116 -3.87 16.25 -20.44
C ALA E 116 -5.30 16.65 -20.14
N TYR E 117 -5.63 16.99 -18.90
CA TYR E 117 -6.99 17.36 -18.52
C TYR E 117 -7.09 18.85 -18.20
N ARG E 118 -6.39 19.67 -18.99
CA ARG E 118 -6.47 21.12 -18.92
C ARG E 118 -7.25 21.64 -20.13
N GLY E 119 -7.42 22.95 -20.17
CA GLY E 119 -8.01 23.62 -21.31
C GLY E 119 -6.97 24.29 -22.18
N GLN E 120 -7.44 25.19 -23.04
CA GLN E 120 -6.55 25.96 -23.89
C GLN E 120 -6.18 27.31 -23.31
N GLY E 121 -6.99 27.84 -22.40
CA GLY E 121 -6.63 29.04 -21.67
C GLY E 121 -7.14 30.31 -22.34
N THR E 122 -7.51 31.28 -21.51
CA THR E 122 -7.92 32.59 -21.98
C THR E 122 -6.92 33.64 -21.49
N GLN E 123 -6.55 34.55 -22.38
CA GLN E 123 -5.60 35.60 -22.05
C GLN E 123 -6.32 36.73 -21.32
N VAL E 124 -5.94 37.00 -20.08
CA VAL E 124 -6.46 38.10 -19.30
C VAL E 124 -5.35 39.13 -19.20
N THR E 125 -5.57 40.29 -19.82
CA THR E 125 -4.60 41.36 -19.89
C THR E 125 -5.09 42.54 -19.05
N VAL E 126 -4.22 43.07 -18.20
CA VAL E 126 -4.55 44.20 -17.35
C VAL E 126 -3.57 45.32 -17.68
N SER E 127 -4.09 46.40 -18.27
CA SER E 127 -3.27 47.54 -18.65
C SER E 127 -4.17 48.73 -18.86
N SER E 128 -3.55 49.88 -19.12
CA SER E 128 -4.28 51.12 -19.36
C SER E 128 -4.32 51.46 -20.84
#